data_5MRS
#
_entry.id   5MRS
#
_cell.length_a   41.855
_cell.length_b   122.553
_cell.length_c   78.988
_cell.angle_alpha   90.00
_cell.angle_beta   98.64
_cell.angle_gamma   90.00
#
_symmetry.space_group_name_H-M   'P 1 21 1'
#
loop_
_entity.id
_entity.type
_entity.pdbx_description
1 polymer 'Lytic endopeptidase preproenzyme'
2 non-polymer 'SULFATE ION'
3 non-polymer '4-(2-AMINOETHYL)BENZENESULFONYL FLUORIDE'
4 non-polymer GLYCEROL
5 non-polymer 'TRIETHYLENE GLYCOL'
6 non-polymer 'CHLORIDE ION'
7 non-polymer DI(HYDROXYETHYL)ETHER
8 water water
#
_entity_poly.entity_id   1
_entity_poly.type   'polypeptide(L)'
_entity_poly.pdbx_seq_one_letter_code
;VNVLGGIEYSINNATLCSVGFSVTRGATKGFVTAGHCGGVGAIVRIGGTQVGSFAARVFPGNDRAWVSVGSAHTLQGAVS
NYSGGTIAIRGSAEAAIGAAVCRSGRTTGYRCGNITAKNVTANYAEGAVRGLTQGNACMGRGDSGGSWFTSAGQAQGVMS
GGNVQSNGNNCGIPASQRSSLFERVGPILSQYGLSLVTS
;
_entity_poly.pdbx_strand_id   A,B,C,D
#
# COMPACT_ATOMS: atom_id res chain seq x y z
N VAL A 1 10.86 36.12 1.96
CA VAL A 1 9.89 35.11 2.37
C VAL A 1 10.44 33.75 2.01
N ASN A 2 9.93 32.69 2.65
CA ASN A 2 10.35 31.33 2.37
C ASN A 2 9.42 30.68 1.35
N VAL A 3 10.00 30.08 0.31
CA VAL A 3 9.22 29.34 -0.68
C VAL A 3 9.24 27.87 -0.32
N LEU A 4 8.05 27.27 -0.21
CA LEU A 4 7.90 25.92 0.34
C LEU A 4 6.73 25.24 -0.38
N GLY A 5 6.92 24.00 -0.81
CA GLY A 5 5.83 23.30 -1.47
C GLY A 5 4.54 23.28 -0.66
N GLY A 6 3.40 23.48 -1.33
CA GLY A 6 2.10 23.40 -0.68
C GLY A 6 1.53 24.70 -0.13
N ILE A 7 2.34 25.74 0.09
CA ILE A 7 1.84 26.96 0.72
C ILE A 7 1.07 27.81 -0.28
N GLU A 8 0.19 28.64 0.26
CA GLU A 8 -0.64 29.51 -0.55
C GLU A 8 0.20 30.59 -1.25
N TYR A 9 -0.18 30.91 -2.49
CA TYR A 9 0.27 32.13 -3.14
C TYR A 9 -0.89 32.74 -3.89
N SER A 10 -0.86 34.07 -4.04
CA SER A 10 -1.93 34.75 -4.77
C SER A 10 -1.41 35.18 -6.13
N ILE A 11 -2.35 35.31 -7.07
CA ILE A 11 -2.05 35.65 -8.46
C ILE A 11 -2.82 36.93 -8.80
N ASN A 12 -2.08 37.97 -9.21
CA ASN A 12 -2.68 39.26 -9.54
C ASN A 12 -3.51 39.80 -8.40
N ASN A 13 -3.21 39.38 -7.17
CA ASN A 13 -3.95 39.83 -6.00
C ASN A 13 -5.43 39.49 -6.11
N ALA A 14 -5.76 38.44 -6.87
CA ALA A 14 -7.14 38.09 -7.21
C ALA A 14 -7.51 36.64 -6.90
N THR A 15 -6.65 35.67 -7.23
CA THR A 15 -6.95 34.26 -7.06
C THR A 15 -5.83 33.60 -6.28
N LEU A 16 -6.06 32.33 -5.91
CA LEU A 16 -5.16 31.58 -5.05
C LEU A 16 -4.80 30.25 -5.69
N CYS A 17 -3.54 29.86 -5.50
CA CYS A 17 -3.07 28.53 -5.83
C CYS A 17 -2.05 28.13 -4.76
N SER A 18 -1.43 26.98 -4.95
CA SER A 18 -0.46 26.45 -4.00
C SER A 18 0.86 26.15 -4.69
N VAL A 19 1.96 26.47 -4.00
CA VAL A 19 3.29 26.18 -4.53
C VAL A 19 3.46 24.69 -4.81
N GLY A 20 3.99 24.37 -6.00
CA GLY A 20 4.42 23.02 -6.34
C GLY A 20 5.74 22.60 -5.71
N PHE A 21 6.86 23.04 -6.31
CA PHE A 21 8.20 22.70 -5.82
C PHE A 21 9.18 23.82 -6.08
N SER A 22 9.98 24.16 -5.08
CA SER A 22 11.10 25.06 -5.27
C SER A 22 12.03 24.53 -6.36
N VAL A 23 12.49 25.43 -7.23
CA VAL A 23 13.43 25.06 -8.29
C VAL A 23 14.43 26.20 -8.49
N THR A 24 15.51 25.88 -9.20
CA THR A 24 16.45 26.87 -9.68
C THR A 24 16.66 26.71 -11.17
N ARG A 25 17.02 27.81 -11.83
CA ARG A 25 17.48 27.78 -13.21
C ARG A 25 18.77 28.57 -13.21
N GLY A 26 19.89 27.87 -13.13
CA GLY A 26 21.15 28.54 -12.85
C GLY A 26 21.03 29.22 -11.51
N ALA A 27 21.35 30.51 -11.47
CA ALA A 27 21.24 31.28 -10.24
C ALA A 27 19.83 31.79 -9.98
N THR A 28 18.90 31.62 -10.93
CA THR A 28 17.56 32.16 -10.79
C THR A 28 16.72 31.26 -9.90
N LYS A 29 16.02 31.85 -8.95
CA LYS A 29 15.16 31.10 -8.05
C LYS A 29 13.76 31.06 -8.60
N GLY A 30 13.00 30.04 -8.20
CA GLY A 30 11.64 29.93 -8.69
C GLY A 30 10.92 28.74 -8.08
N PHE A 31 9.68 28.54 -8.54
CA PHE A 31 8.97 27.31 -8.22
C PHE A 31 8.05 26.89 -9.37
N VAL A 32 7.86 25.58 -9.51
CA VAL A 32 6.95 25.06 -10.52
C VAL A 32 5.56 24.95 -9.93
N THR A 33 4.57 25.01 -10.80
CA THR A 33 3.16 25.01 -10.36
C THR A 33 2.32 24.70 -11.58
N ALA A 34 1.01 24.87 -11.46
CA ALA A 34 0.11 24.62 -12.58
C ALA A 34 -0.01 25.83 -13.51
N GLY A 35 -0.07 25.56 -14.82
CA GLY A 35 -0.25 26.63 -15.79
C GLY A 35 -1.58 27.36 -15.69
N HIS A 36 -2.65 26.67 -15.32
CA HIS A 36 -3.93 27.35 -15.20
C HIS A 36 -3.98 28.35 -14.04
N CYS A 37 -2.95 28.43 -13.20
CA CYS A 37 -3.01 29.34 -12.07
C CYS A 37 -2.69 30.78 -12.46
N GLY A 38 -2.00 31.00 -13.57
CA GLY A 38 -1.68 32.34 -13.97
C GLY A 38 -1.27 32.40 -15.43
N GLY A 39 -1.64 33.50 -16.08
CA GLY A 39 -1.10 33.79 -17.38
C GLY A 39 0.34 34.25 -17.25
N VAL A 40 1.01 34.33 -18.39
CA VAL A 40 2.38 34.80 -18.41
C VAL A 40 2.44 36.19 -17.82
N GLY A 41 3.43 36.43 -16.96
CA GLY A 41 3.65 37.71 -16.33
C GLY A 41 2.84 37.98 -15.08
N ALA A 42 1.86 37.14 -14.76
CA ALA A 42 1.01 37.36 -13.59
C ALA A 42 1.86 37.50 -12.33
N ILE A 43 1.49 38.48 -11.50
CA ILE A 43 2.25 38.85 -10.30
C ILE A 43 1.91 37.87 -9.16
N VAL A 44 2.94 37.36 -8.49
CA VAL A 44 2.78 36.33 -7.46
C VAL A 44 3.17 36.90 -6.10
N ARG A 45 2.31 36.68 -5.11
CA ARG A 45 2.58 37.09 -3.74
C ARG A 45 2.47 35.89 -2.81
N ILE A 46 3.36 35.81 -1.83
N ILE A 46 3.41 35.81 -1.87
CA ILE A 46 3.24 34.87 -0.72
CA ILE A 46 3.41 34.82 -0.80
C ILE A 46 3.01 35.68 0.54
C ILE A 46 3.64 35.56 0.51
N GLY A 47 1.92 35.38 1.26
N GLY A 47 2.83 35.25 1.52
CA GLY A 47 1.56 36.15 2.43
CA GLY A 47 3.00 35.86 2.83
C GLY A 47 1.39 37.63 2.18
C GLY A 47 2.95 37.37 2.81
N GLY A 48 1.10 38.05 0.95
N GLY A 48 1.99 37.93 2.07
CA GLY A 48 0.90 39.44 0.62
CA GLY A 48 1.76 39.36 2.06
C GLY A 48 2.14 40.16 0.12
C GLY A 48 2.78 40.19 1.31
N THR A 49 3.31 39.52 0.18
N THR A 49 3.49 39.60 0.36
CA THR A 49 4.56 40.08 -0.32
CA THR A 49 4.58 40.31 -0.30
C THR A 49 4.78 39.64 -1.76
C THR A 49 4.85 39.71 -1.68
N GLN A 50 5.08 40.59 -2.65
CA GLN A 50 5.46 40.20 -4.00
C GLN A 50 6.75 39.39 -3.97
N VAL A 51 6.74 38.24 -4.64
CA VAL A 51 7.95 37.42 -4.72
C VAL A 51 8.39 37.17 -6.15
N GLY A 52 7.52 37.35 -7.13
CA GLY A 52 7.93 37.20 -8.52
C GLY A 52 6.73 37.18 -9.44
N SER A 53 6.87 36.47 -10.54
CA SER A 53 5.80 36.44 -11.51
C SER A 53 5.90 35.17 -12.34
N PHE A 54 4.80 34.84 -13.01
CA PHE A 54 4.79 33.69 -13.90
C PHE A 54 5.75 33.88 -15.05
N ALA A 55 6.83 33.09 -15.06
CA ALA A 55 7.87 33.21 -16.09
C ALA A 55 7.43 32.61 -17.41
N ALA A 56 6.73 31.48 -17.36
CA ALA A 56 6.30 30.76 -18.54
C ALA A 56 5.18 29.81 -18.13
N ARG A 57 4.37 29.43 -19.11
CA ARG A 57 3.21 28.60 -18.79
C ARG A 57 2.77 27.88 -20.06
N VAL A 58 2.17 26.71 -19.88
CA VAL A 58 1.40 26.04 -20.92
C VAL A 58 0.11 25.54 -20.29
N PHE A 59 -1.02 26.00 -20.81
CA PHE A 59 -2.35 25.55 -20.42
C PHE A 59 -3.35 26.18 -21.38
N PRO A 60 -4.28 25.40 -21.96
CA PRO A 60 -4.40 23.95 -21.74
C PRO A 60 -3.44 23.14 -22.62
N GLY A 61 -3.85 21.93 -23.03
CA GLY A 61 -2.93 21.03 -23.69
C GLY A 61 -2.05 20.35 -22.67
N ASN A 62 -1.16 21.12 -22.05
CA ASN A 62 -0.51 20.73 -20.80
C ASN A 62 -1.14 21.55 -19.67
N ASP A 63 -0.51 21.55 -18.49
CA ASP A 63 -0.94 22.38 -17.37
C ASP A 63 0.24 22.58 -16.43
N ARG A 64 1.13 23.48 -16.81
CA ARG A 64 2.41 23.62 -16.15
C ARG A 64 2.85 25.07 -16.24
N ALA A 65 3.70 25.47 -15.30
CA ALA A 65 4.25 26.81 -15.28
C ALA A 65 5.42 26.81 -14.31
N TRP A 66 6.20 27.88 -14.36
CA TRP A 66 7.10 28.17 -13.26
C TRP A 66 7.13 29.66 -13.00
N VAL A 67 7.25 30.00 -11.72
CA VAL A 67 7.24 31.37 -11.22
C VAL A 67 8.66 31.69 -10.83
N SER A 68 9.25 32.73 -11.43
CA SER A 68 10.60 33.11 -11.03
C SER A 68 10.52 33.94 -9.75
N VAL A 69 11.42 33.64 -8.82
CA VAL A 69 11.38 34.20 -7.47
C VAL A 69 12.55 35.13 -7.29
N GLY A 70 12.28 36.33 -6.78
CA GLY A 70 13.35 37.29 -6.54
C GLY A 70 14.40 36.75 -5.59
N SER A 71 15.63 37.24 -5.76
CA SER A 71 16.76 36.70 -5.02
C SER A 71 16.68 36.98 -3.52
N ALA A 72 15.86 37.94 -3.09
CA ALA A 72 15.73 38.21 -1.66
C ALA A 72 15.06 37.07 -0.91
N HIS A 73 14.39 36.17 -1.62
CA HIS A 73 13.62 35.13 -0.95
C HIS A 73 14.41 33.83 -0.88
N THR A 74 14.01 32.98 0.04
CA THR A 74 14.69 31.72 0.29
C THR A 74 13.87 30.56 -0.27
N LEU A 75 14.53 29.64 -0.94
CA LEU A 75 13.89 28.43 -1.44
C LEU A 75 14.10 27.29 -0.45
N GLN A 76 13.05 26.53 -0.21
CA GLN A 76 13.16 25.34 0.63
C GLN A 76 12.80 24.10 -0.19
N GLY A 77 13.72 23.14 -0.22
CA GLY A 77 13.52 21.91 -0.97
C GLY A 77 12.68 20.92 -0.19
N ALA A 78 11.43 21.30 0.08
CA ALA A 78 10.58 20.51 0.95
C ALA A 78 9.13 20.88 0.66
N VAL A 79 8.22 20.15 1.27
CA VAL A 79 6.79 20.42 1.16
C VAL A 79 6.21 20.53 2.56
N SER A 80 5.29 21.47 2.78
CA SER A 80 4.66 21.60 4.09
C SER A 80 3.72 20.43 4.37
N ASN A 81 3.68 19.97 5.64
CA ASN A 81 2.71 18.96 6.03
C ASN A 81 1.50 19.55 6.73
N TYR A 82 1.38 20.87 6.75
CA TYR A 82 0.20 21.56 7.29
C TYR A 82 -0.08 21.18 8.75
N SER A 83 0.97 20.78 9.48
CA SER A 83 0.90 20.66 10.93
C SER A 83 2.23 21.06 11.56
N GLY A 84 2.94 22.00 10.93
CA GLY A 84 4.13 22.60 11.50
C GLY A 84 5.44 22.04 11.00
N GLY A 85 5.42 20.97 10.21
CA GLY A 85 6.62 20.33 9.71
C GLY A 85 6.72 20.38 8.20
N THR A 86 7.78 19.76 7.70
CA THR A 86 8.01 19.62 6.27
C THR A 86 8.45 18.20 5.94
N ILE A 87 8.27 17.83 4.68
CA ILE A 87 8.77 16.58 4.12
C ILE A 87 9.85 16.94 3.12
N ALA A 88 11.06 16.43 3.33
CA ALA A 88 12.16 16.77 2.44
C ALA A 88 11.88 16.24 1.04
N ILE A 89 12.23 17.04 0.03
CA ILE A 89 12.19 16.59 -1.38
C ILE A 89 13.59 16.15 -1.76
N ARG A 90 13.70 14.99 -2.39
CA ARG A 90 15.00 14.44 -2.62
C ARG A 90 15.24 14.02 -4.06
N GLY A 91 14.20 14.01 -4.89
CA GLY A 91 14.34 13.77 -6.32
C GLY A 91 12.98 13.77 -6.98
N SER A 92 12.95 13.35 -8.25
CA SER A 92 11.70 13.33 -9.02
C SER A 92 11.47 11.97 -9.68
N ALA A 93 11.84 10.87 -9.02
CA ALA A 93 11.56 9.56 -9.58
C ALA A 93 10.06 9.30 -9.56
N GLU A 94 9.51 8.92 -10.72
CA GLU A 94 8.07 8.70 -10.88
C GLU A 94 7.64 7.37 -10.29
N ALA A 95 6.52 7.39 -9.58
CA ALA A 95 5.98 6.19 -8.94
C ALA A 95 4.95 5.53 -9.83
N ALA A 96 4.80 4.21 -9.68
CA ALA A 96 3.88 3.44 -10.50
C ALA A 96 2.45 3.47 -9.98
N ILE A 97 1.52 3.07 -10.84
CA ILE A 97 0.13 2.90 -10.41
C ILE A 97 0.07 1.99 -9.19
N GLY A 98 -0.69 2.42 -8.18
CA GLY A 98 -0.86 1.67 -6.95
C GLY A 98 0.01 2.17 -5.83
N ALA A 99 1.11 2.87 -6.15
CA ALA A 99 2.00 3.41 -5.14
C ALA A 99 1.32 4.50 -4.32
N ALA A 100 1.77 4.63 -3.08
CA ALA A 100 1.23 5.65 -2.18
C ALA A 100 1.79 7.03 -2.54
N VAL A 101 0.96 8.05 -2.34
CA VAL A 101 1.33 9.40 -2.70
C VAL A 101 0.53 10.37 -1.85
N CYS A 102 1.11 11.52 -1.57
CA CYS A 102 0.41 12.57 -0.84
C CYS A 102 0.51 13.87 -1.63
N ARG A 103 -0.29 14.86 -1.23
CA ARG A 103 -0.26 16.15 -1.87
C ARG A 103 -0.51 17.21 -0.80
N SER A 104 -0.13 18.45 -1.11
CA SER A 104 -0.21 19.50 -0.11
C SER A 104 -0.67 20.78 -0.79
N GLY A 105 -1.63 21.46 -0.15
CA GLY A 105 -2.22 22.66 -0.73
C GLY A 105 -2.99 23.44 0.31
N ARG A 106 -3.35 24.67 -0.08
CA ARG A 106 -3.86 25.67 0.85
C ARG A 106 -5.30 25.43 1.26
N THR A 107 -6.06 24.64 0.50
CA THR A 107 -7.45 24.46 0.89
C THR A 107 -7.66 23.24 1.77
N THR A 108 -7.14 22.08 1.36
CA THR A 108 -7.33 20.84 2.12
C THR A 108 -6.08 20.41 2.87
N GLY A 109 -5.01 21.19 2.82
CA GLY A 109 -3.81 20.86 3.58
C GLY A 109 -3.10 19.65 2.99
N TYR A 110 -2.74 18.72 3.86
CA TYR A 110 -1.93 17.56 3.47
C TYR A 110 -2.83 16.33 3.42
N ARG A 111 -2.89 15.69 2.25
CA ARG A 111 -3.80 14.58 2.01
C ARG A 111 -3.09 13.46 1.25
N CYS A 112 -3.40 12.21 1.56
CA CYS A 112 -2.71 11.07 0.96
C CYS A 112 -3.68 10.10 0.29
N GLY A 113 -3.12 9.32 -0.62
CA GLY A 113 -3.87 8.30 -1.32
C GLY A 113 -2.94 7.48 -2.17
N ASN A 114 -3.42 6.99 -3.30
CA ASN A 114 -2.63 6.18 -4.21
C ASN A 114 -2.72 6.71 -5.63
N ILE A 115 -1.65 6.47 -6.40
CA ILE A 115 -1.70 6.66 -7.85
CA ILE A 115 -1.73 6.67 -7.84
C ILE A 115 -2.63 5.61 -8.45
N THR A 116 -3.61 6.05 -9.24
CA THR A 116 -4.60 5.12 -9.77
C THR A 116 -4.65 5.03 -11.30
N ALA A 117 -4.13 6.02 -12.04
CA ALA A 117 -4.06 5.91 -13.50
C ALA A 117 -3.08 6.94 -14.05
N LYS A 118 -2.63 6.69 -15.29
CA LYS A 118 -1.71 7.58 -15.96
C LYS A 118 -2.20 7.87 -17.38
N ASN A 119 -1.68 8.97 -17.94
CA ASN A 119 -2.02 9.42 -19.28
C ASN A 119 -3.52 9.66 -19.45
N VAL A 120 -4.13 10.32 -18.48
CA VAL A 120 -5.53 10.71 -18.51
C VAL A 120 -5.67 12.08 -19.17
N THR A 121 -6.73 12.24 -19.97
CA THR A 121 -7.11 13.53 -20.52
C THR A 121 -8.26 14.12 -19.69
N ALA A 122 -8.06 15.34 -19.21
CA ALA A 122 -9.12 16.09 -18.57
C ALA A 122 -9.73 17.06 -19.58
N ASN A 123 -11.06 16.99 -19.72
CA ASN A 123 -11.80 17.90 -20.60
C ASN A 123 -12.28 19.11 -19.79
N TYR A 124 -11.33 19.98 -19.45
CA TYR A 124 -11.62 21.20 -18.72
C TYR A 124 -12.46 22.16 -19.56
N ALA A 125 -13.06 23.14 -18.89
CA ALA A 125 -13.83 24.15 -19.61
C ALA A 125 -12.95 24.94 -20.55
N GLU A 126 -11.70 25.18 -20.18
CA GLU A 126 -10.77 25.92 -21.03
C GLU A 126 -10.25 25.08 -22.19
N GLY A 127 -10.46 23.76 -22.17
CA GLY A 127 -9.96 22.88 -23.19
C GLY A 127 -9.30 21.65 -22.60
N ALA A 128 -8.94 20.74 -23.50
CA ALA A 128 -8.36 19.47 -23.07
C ALA A 128 -6.97 19.68 -22.51
N VAL A 129 -6.65 18.94 -21.45
CA VAL A 129 -5.27 18.77 -20.99
C VAL A 129 -4.98 17.28 -20.99
N ARG A 130 -3.91 16.88 -21.66
CA ARG A 130 -3.62 15.48 -21.91
C ARG A 130 -2.50 15.01 -20.99
N GLY A 131 -2.40 13.68 -20.84
CA GLY A 131 -1.24 13.12 -20.17
C GLY A 131 -1.23 13.24 -18.66
N LEU A 132 -2.39 13.46 -18.03
CA LEU A 132 -2.39 13.69 -16.59
C LEU A 132 -2.36 12.36 -15.85
N THR A 133 -1.77 12.38 -14.66
CA THR A 133 -1.77 11.23 -13.76
C THR A 133 -2.88 11.43 -12.74
N GLN A 134 -3.58 10.35 -12.43
CA GLN A 134 -4.68 10.39 -11.48
C GLN A 134 -4.30 9.69 -10.19
N GLY A 135 -4.62 10.33 -9.06
CA GLY A 135 -4.56 9.69 -7.76
C GLY A 135 -5.91 9.81 -7.08
N ASN A 136 -6.04 9.19 -5.91
CA ASN A 136 -7.29 9.29 -5.15
C ASN A 136 -7.13 9.99 -3.82
N ALA A 137 -6.00 10.64 -3.55
CA ALA A 137 -5.97 11.62 -2.48
C ALA A 137 -6.95 12.74 -2.83
N CYS A 138 -7.59 13.31 -1.81
CA CYS A 138 -8.61 14.31 -2.13
C CYS A 138 -7.98 15.69 -2.26
N MET A 139 -8.77 16.64 -2.76
CA MET A 139 -8.28 17.98 -3.01
C MET A 139 -9.46 18.91 -3.15
N GLY A 140 -9.19 20.22 -3.13
CA GLY A 140 -10.22 21.22 -3.26
C GLY A 140 -9.75 22.47 -3.98
N ARG A 141 -10.72 23.22 -4.50
CA ARG A 141 -10.42 24.49 -5.16
C ARG A 141 -9.49 25.34 -4.32
N GLY A 142 -8.34 25.71 -4.90
CA GLY A 142 -7.28 26.40 -4.20
C GLY A 142 -6.03 25.57 -4.01
N ASP A 143 -6.16 24.24 -3.98
CA ASP A 143 -5.00 23.35 -3.93
C ASP A 143 -4.24 23.31 -5.26
N SER A 144 -4.81 23.91 -6.32
CA SER A 144 -4.22 23.84 -7.65
C SER A 144 -2.78 24.33 -7.65
N GLY A 145 -1.95 23.70 -8.49
CA GLY A 145 -0.53 23.95 -8.55
C GLY A 145 0.30 23.32 -7.45
N GLY A 146 -0.34 22.69 -6.44
CA GLY A 146 0.38 22.22 -5.27
C GLY A 146 1.08 20.88 -5.46
N SER A 147 1.95 20.58 -4.50
CA SER A 147 2.91 19.47 -4.60
C SER A 147 2.20 18.12 -4.54
N TRP A 148 2.60 17.19 -5.41
CA TRP A 148 2.33 15.76 -5.26
C TRP A 148 3.65 15.01 -5.13
N PHE A 149 3.74 14.10 -4.16
CA PHE A 149 5.03 13.53 -3.79
C PHE A 149 4.86 12.25 -3.00
N THR A 150 5.83 11.34 -3.15
CA THR A 150 5.83 10.15 -2.31
C THR A 150 6.39 10.49 -0.93
N SER A 151 6.02 9.67 0.07
CA SER A 151 6.40 9.96 1.45
C SER A 151 7.92 9.96 1.60
N ALA A 152 8.63 9.17 0.80
CA ALA A 152 10.09 9.17 0.78
C ALA A 152 10.67 10.38 0.05
N GLY A 153 9.85 11.28 -0.47
CA GLY A 153 10.31 12.55 -0.96
C GLY A 153 10.57 12.67 -2.45
N GLN A 154 9.96 11.83 -3.28
CA GLN A 154 10.10 11.95 -4.72
C GLN A 154 8.95 12.78 -5.29
N ALA A 155 9.28 13.95 -5.85
CA ALA A 155 8.26 14.81 -6.46
C ALA A 155 7.60 14.10 -7.63
N GLN A 156 6.27 14.07 -7.63
CA GLN A 156 5.49 13.46 -8.71
C GLN A 156 4.96 14.49 -9.68
N GLY A 157 4.42 15.59 -9.18
CA GLY A 157 3.75 16.54 -10.05
C GLY A 157 3.02 17.60 -9.25
N VAL A 158 2.29 18.41 -10.01
CA VAL A 158 1.60 19.60 -9.51
C VAL A 158 0.10 19.45 -9.76
N MET A 159 -0.70 19.91 -8.80
CA MET A 159 -2.14 19.70 -8.80
C MET A 159 -2.81 20.39 -9.98
N SER A 160 -3.61 19.67 -10.77
CA SER A 160 -4.20 20.25 -11.97
C SER A 160 -5.72 20.36 -11.90
N GLY A 161 -6.42 19.27 -11.59
CA GLY A 161 -7.88 19.33 -11.51
C GLY A 161 -8.44 18.05 -10.93
N GLY A 162 -9.75 17.90 -11.05
CA GLY A 162 -10.42 16.67 -10.66
C GLY A 162 -11.87 16.89 -10.29
N ASN A 163 -12.51 15.81 -9.79
CA ASN A 163 -13.97 15.80 -9.67
C ASN A 163 -14.42 16.38 -8.32
N VAL A 164 -14.27 17.70 -8.19
CA VAL A 164 -14.75 18.37 -6.99
C VAL A 164 -16.27 18.35 -7.00
N GLN A 165 -16.84 18.25 -5.81
CA GLN A 165 -18.27 18.23 -5.59
C GLN A 165 -18.74 19.66 -5.32
N SER A 166 -20.02 19.83 -5.01
CA SER A 166 -20.57 21.17 -4.89
C SER A 166 -19.94 21.96 -3.75
N ASN A 167 -19.34 21.30 -2.76
CA ASN A 167 -18.59 22.02 -1.73
C ASN A 167 -17.19 22.44 -2.19
N GLY A 168 -16.86 22.25 -3.47
CA GLY A 168 -15.57 22.64 -3.96
C GLY A 168 -14.43 21.67 -3.73
N ASN A 169 -14.68 20.49 -3.15
CA ASN A 169 -13.63 19.50 -2.96
C ASN A 169 -14.19 18.11 -3.21
N ASN A 170 -13.31 17.10 -3.22
CA ASN A 170 -13.77 15.71 -3.28
C ASN A 170 -13.41 14.95 -1.99
N CYS A 171 -13.24 15.66 -0.88
CA CYS A 171 -12.91 15.00 0.37
C CYS A 171 -14.13 14.40 1.05
N GLY A 172 -15.33 14.86 0.69
CA GLY A 172 -16.56 14.33 1.25
C GLY A 172 -17.04 13.03 0.65
N ILE A 173 -16.32 12.47 -0.33
CA ILE A 173 -16.64 11.16 -0.91
C ILE A 173 -15.44 10.27 -0.66
N PRO A 174 -15.61 8.94 -0.60
CA PRO A 174 -14.48 8.05 -0.34
C PRO A 174 -13.50 8.04 -1.50
N ALA A 175 -12.27 7.66 -1.18
CA ALA A 175 -11.19 7.71 -2.16
C ALA A 175 -11.55 6.98 -3.45
N SER A 176 -12.31 5.88 -3.33
CA SER A 176 -12.63 5.07 -4.49
C SER A 176 -13.49 5.82 -5.51
N GLN A 177 -14.17 6.89 -5.10
CA GLN A 177 -14.94 7.70 -6.03
C GLN A 177 -14.18 8.93 -6.53
N ARG A 178 -12.91 9.07 -6.18
CA ARG A 178 -12.18 10.31 -6.42
C ARG A 178 -11.36 10.23 -7.70
N SER A 179 -11.28 11.35 -8.40
CA SER A 179 -10.38 11.53 -9.52
C SER A 179 -9.66 12.85 -9.31
N SER A 180 -8.38 12.77 -8.97
CA SER A 180 -7.57 13.94 -8.66
C SER A 180 -6.36 13.87 -9.57
N LEU A 181 -6.21 14.88 -10.43
CA LEU A 181 -5.31 14.81 -11.58
C LEU A 181 -4.14 15.77 -11.38
N PHE A 182 -2.93 15.27 -11.59
CA PHE A 182 -1.77 16.14 -11.51
C PHE A 182 -0.94 16.03 -12.79
N GLU A 183 -0.29 17.14 -13.11
CA GLU A 183 0.65 17.27 -14.22
C GLU A 183 2.00 16.75 -13.74
N ARG A 184 2.57 15.76 -14.46
CA ARG A 184 3.84 15.17 -14.04
CA ARG A 184 3.84 15.17 -14.04
C ARG A 184 4.94 16.23 -14.00
N VAL A 185 5.77 16.16 -12.96
CA VAL A 185 6.78 17.20 -12.78
C VAL A 185 7.94 17.06 -13.75
N GLY A 186 8.31 15.84 -14.13
CA GLY A 186 9.43 15.56 -15.01
C GLY A 186 9.50 16.43 -16.26
N PRO A 187 8.42 16.45 -17.05
CA PRO A 187 8.44 17.27 -18.27
C PRO A 187 8.52 18.77 -17.99
N ILE A 188 7.99 19.26 -16.87
CA ILE A 188 8.12 20.68 -16.53
C ILE A 188 9.58 21.04 -16.29
N LEU A 189 10.28 20.22 -15.50
CA LEU A 189 11.71 20.47 -15.27
C LEU A 189 12.48 20.43 -16.58
N SER A 190 12.11 19.51 -17.48
CA SER A 190 12.84 19.38 -18.74
C SER A 190 12.55 20.54 -19.68
N GLN A 191 11.27 20.87 -19.88
CA GLN A 191 10.92 21.93 -20.81
C GLN A 191 11.60 23.25 -20.46
N TYR A 192 11.64 23.60 -19.18
CA TYR A 192 12.16 24.91 -18.78
C TYR A 192 13.57 24.85 -18.21
N GLY A 193 14.22 23.69 -18.26
CA GLY A 193 15.57 23.55 -17.75
C GLY A 193 15.71 23.93 -16.29
N LEU A 194 14.82 23.41 -15.46
CA LEU A 194 14.79 23.73 -14.04
C LEU A 194 15.31 22.55 -13.22
N SER A 195 15.85 22.86 -12.04
CA SER A 195 16.37 21.83 -11.16
C SER A 195 15.64 21.89 -9.84
N LEU A 196 15.20 20.72 -9.38
CA LEU A 196 14.59 20.60 -8.07
C LEU A 196 15.56 21.04 -7.00
N VAL A 197 15.10 21.86 -6.06
CA VAL A 197 15.83 22.05 -4.81
C VAL A 197 15.55 20.84 -3.91
N THR A 198 16.61 20.20 -3.43
CA THR A 198 16.46 19.03 -2.59
C THR A 198 17.01 19.26 -1.18
N SER A 199 16.62 18.41 -0.25
CA SER A 199 17.13 18.49 1.12
C SER A 199 17.00 17.13 1.80
N VAL B 1 12.91 -17.66 -22.70
CA VAL B 1 13.48 -17.63 -21.36
C VAL B 1 12.91 -16.45 -20.60
N ASN B 2 13.12 -16.47 -19.30
CA ASN B 2 12.67 -15.38 -18.44
C ASN B 2 13.84 -14.45 -18.15
N VAL B 3 13.60 -13.15 -18.32
CA VAL B 3 14.61 -12.12 -18.03
C VAL B 3 14.36 -11.59 -16.61
N LEU B 4 15.37 -11.72 -15.75
CA LEU B 4 15.27 -11.37 -14.33
C LEU B 4 16.57 -10.71 -13.90
N GLY B 5 16.47 -9.67 -13.09
CA GLY B 5 17.66 -9.01 -12.58
C GLY B 5 18.63 -9.95 -11.88
N GLY B 6 19.92 -9.80 -12.16
CA GLY B 6 20.97 -10.49 -11.45
C GLY B 6 21.42 -11.79 -12.09
N ILE B 7 20.60 -12.37 -12.99
CA ILE B 7 20.94 -13.65 -13.57
C ILE B 7 22.05 -13.50 -14.61
N GLU B 8 22.74 -14.62 -14.86
CA GLU B 8 23.87 -14.67 -15.77
C GLU B 8 23.43 -14.53 -17.22
N TYR B 9 24.23 -13.81 -18.01
CA TYR B 9 24.15 -13.91 -19.46
C TYR B 9 25.57 -13.95 -20.00
N SER B 10 25.71 -14.49 -21.21
CA SER B 10 26.99 -14.54 -21.89
C SER B 10 26.97 -13.60 -23.08
N ILE B 11 28.16 -13.12 -23.45
CA ILE B 11 28.35 -12.14 -24.52
C ILE B 11 29.24 -12.79 -25.59
N ASN B 12 28.70 -12.96 -26.78
CA ASN B 12 29.45 -13.56 -27.89
C ASN B 12 29.96 -14.95 -27.54
N ASN B 13 29.29 -15.64 -26.62
CA ASN B 13 29.70 -16.98 -26.21
C ASN B 13 31.07 -16.97 -25.54
N ALA B 14 31.50 -15.83 -25.05
CA ALA B 14 32.90 -15.67 -24.66
C ALA B 14 33.08 -15.17 -23.23
N THR B 15 32.24 -14.23 -22.77
CA THR B 15 32.38 -13.63 -21.45
C THR B 15 31.02 -13.59 -20.76
N LEU B 16 31.05 -13.32 -19.46
CA LEU B 16 29.84 -13.35 -18.66
C LEU B 16 29.58 -11.99 -18.02
N CYS B 17 28.31 -11.60 -17.99
CA CYS B 17 27.88 -10.48 -17.15
C CYS B 17 26.56 -10.88 -16.47
N SER B 18 25.95 -9.94 -15.76
CA SER B 18 24.68 -10.18 -15.08
C SER B 18 23.65 -9.15 -15.49
N VAL B 19 22.40 -9.60 -15.60
CA VAL B 19 21.30 -8.74 -16.02
C VAL B 19 21.08 -7.62 -15.00
N GLY B 20 20.91 -6.39 -15.51
CA GLY B 20 20.60 -5.24 -14.67
C GLY B 20 19.12 -5.19 -14.30
N PHE B 21 18.28 -4.67 -15.21
CA PHE B 21 16.84 -4.63 -14.98
C PHE B 21 16.07 -4.83 -16.28
N SER B 22 14.94 -5.52 -16.18
CA SER B 22 14.00 -5.61 -17.28
C SER B 22 13.47 -4.23 -17.65
N VAL B 23 13.46 -3.95 -18.95
CA VAL B 23 12.95 -2.69 -19.49
C VAL B 23 12.20 -2.96 -20.79
N THR B 24 11.38 -1.99 -21.18
CA THR B 24 10.77 -1.98 -22.50
C THR B 24 11.07 -0.64 -23.14
N ARG B 25 11.16 -0.66 -24.47
N ARG B 25 11.15 -0.65 -24.47
CA ARG B 25 11.22 0.56 -25.27
CA ARG B 25 11.22 0.55 -25.28
C ARG B 25 10.06 0.43 -26.26
C ARG B 25 10.06 0.43 -26.26
N GLY B 26 8.92 1.00 -25.90
CA GLY B 26 7.71 0.79 -26.68
C GLY B 26 7.41 -0.70 -26.67
N ALA B 27 7.29 -1.29 -27.86
CA ALA B 27 7.00 -2.73 -27.91
C ALA B 27 8.23 -3.60 -27.73
N THR B 28 9.43 -3.02 -27.85
CA THR B 28 10.65 -3.81 -27.75
C THR B 28 10.96 -4.16 -26.30
N LYS B 29 11.21 -5.45 -26.05
CA LYS B 29 11.63 -5.90 -24.73
C LYS B 29 13.16 -5.83 -24.63
N GLY B 30 13.66 -5.75 -23.42
CA GLY B 30 15.10 -5.75 -23.24
C GLY B 30 15.50 -5.62 -21.78
N PHE B 31 16.80 -5.39 -21.57
CA PHE B 31 17.27 -5.08 -20.23
C PHE B 31 18.48 -4.17 -20.26
N VAL B 32 18.65 -3.39 -19.17
CA VAL B 32 19.81 -2.52 -19.00
C VAL B 32 20.91 -3.29 -18.28
N THR B 33 22.15 -2.88 -18.51
CA THR B 33 23.32 -3.58 -18.01
C THR B 33 24.50 -2.62 -18.12
N ALA B 34 25.70 -3.09 -17.81
CA ALA B 34 26.85 -2.20 -17.86
C ALA B 34 27.40 -2.11 -19.28
N GLY B 35 27.81 -0.90 -19.69
CA GLY B 35 28.34 -0.74 -21.05
C GLY B 35 29.60 -1.53 -21.33
N HIS B 36 30.43 -1.77 -20.31
CA HIS B 36 31.67 -2.50 -20.53
C HIS B 36 31.41 -3.98 -20.82
N CYS B 37 30.17 -4.46 -20.66
CA CYS B 37 29.88 -5.87 -20.91
C CYS B 37 29.91 -6.22 -22.39
N GLY B 38 29.67 -5.28 -23.29
CA GLY B 38 29.70 -5.62 -24.71
C GLY B 38 29.35 -4.44 -25.59
N GLY B 39 29.79 -4.56 -26.87
CA GLY B 39 29.48 -3.55 -27.86
C GLY B 39 28.16 -3.83 -28.54
N VAL B 40 27.63 -2.78 -29.19
CA VAL B 40 26.45 -2.90 -30.04
C VAL B 40 26.58 -4.11 -30.96
N GLY B 41 25.51 -4.90 -31.07
CA GLY B 41 25.52 -6.06 -31.92
C GLY B 41 26.11 -7.32 -31.30
N ALA B 42 26.66 -7.22 -30.09
CA ALA B 42 27.18 -8.40 -29.42
C ALA B 42 26.03 -9.31 -29.01
N ILE B 43 26.22 -10.61 -29.23
CA ILE B 43 25.16 -11.61 -29.09
C ILE B 43 25.03 -12.04 -27.64
N VAL B 44 23.80 -12.05 -27.14
CA VAL B 44 23.51 -12.30 -25.73
C VAL B 44 22.74 -13.60 -25.58
N ARG B 45 23.21 -14.45 -24.67
CA ARG B 45 22.56 -15.71 -24.37
C ARG B 45 22.23 -15.78 -22.89
N ILE B 46 21.06 -16.29 -22.57
N ILE B 46 21.02 -16.25 -22.59
CA ILE B 46 20.73 -16.63 -21.18
CA ILE B 46 20.54 -16.49 -21.24
C ILE B 46 20.46 -18.13 -21.14
C ILE B 46 19.92 -17.87 -21.19
N GLY B 47 21.18 -18.84 -20.26
N GLY B 47 20.22 -18.63 -20.14
CA GLY B 47 21.08 -20.29 -20.21
CA GLY B 47 19.56 -19.91 -19.94
C GLY B 47 21.49 -20.99 -21.48
C GLY B 47 19.66 -20.85 -21.12
N GLY B 48 22.46 -20.44 -22.22
N GLY B 48 20.81 -20.85 -21.79
CA GLY B 48 22.89 -21.01 -23.49
CA GLY B 48 21.08 -21.80 -22.84
C GLY B 48 21.97 -20.75 -24.65
C GLY B 48 20.62 -21.43 -24.23
N THR B 49 20.85 -20.08 -24.42
N THR B 49 20.03 -20.25 -24.42
CA THR B 49 19.88 -19.76 -25.47
CA THR B 49 19.54 -19.86 -25.74
C THR B 49 20.07 -18.31 -25.93
C THR B 49 19.76 -18.38 -25.99
N GLN B 50 20.12 -18.10 -27.24
CA GLN B 50 20.21 -16.75 -27.77
C GLN B 50 18.93 -15.97 -27.50
N VAL B 51 19.05 -14.80 -26.89
CA VAL B 51 17.88 -13.97 -26.64
C VAL B 51 17.93 -12.62 -27.35
N GLY B 52 19.08 -12.14 -27.75
CA GLY B 52 19.12 -10.88 -28.48
C GLY B 52 20.54 -10.33 -28.50
N SER B 53 20.64 -9.01 -28.51
CA SER B 53 21.97 -8.42 -28.67
C SER B 53 21.97 -7.02 -28.09
N PHE B 54 23.16 -6.54 -27.77
CA PHE B 54 23.32 -5.17 -27.27
C PHE B 54 22.77 -4.19 -28.30
N ALA B 55 21.86 -3.33 -27.85
CA ALA B 55 21.26 -2.36 -28.75
C ALA B 55 21.98 -1.03 -28.71
N ALA B 56 22.54 -0.66 -27.56
CA ALA B 56 23.26 0.60 -27.44
C ALA B 56 24.21 0.51 -26.26
N ARG B 57 25.28 1.29 -26.30
CA ARG B 57 26.20 1.25 -25.17
C ARG B 57 27.11 2.46 -25.19
N VAL B 58 27.52 2.86 -24.00
CA VAL B 58 28.55 3.87 -23.80
C VAL B 58 29.53 3.34 -22.77
N PHE B 59 30.80 3.25 -23.15
CA PHE B 59 31.86 2.86 -22.24
C PHE B 59 33.23 2.99 -22.91
N PRO B 60 34.21 3.62 -22.26
CA PRO B 60 34.09 4.28 -20.95
C PRO B 60 33.39 5.66 -21.03
N GLY B 61 33.82 6.59 -20.19
CA GLY B 61 33.11 7.86 -20.12
C GLY B 61 31.86 7.71 -19.27
N ASN B 62 30.90 6.93 -19.77
CA ASN B 62 29.88 6.32 -18.93
C ASN B 62 30.15 4.81 -18.88
N ASP B 63 29.21 4.05 -18.27
CA ASP B 63 29.27 2.58 -18.26
C ASP B 63 27.83 2.07 -18.31
N ARG B 64 27.21 2.22 -19.46
CA ARG B 64 25.79 1.92 -19.58
C ARG B 64 25.52 1.21 -20.90
N ALA B 65 24.54 0.32 -20.87
CA ALA B 65 24.11 -0.34 -22.08
C ALA B 65 22.69 -0.84 -21.90
N TRP B 66 22.08 -1.21 -23.01
CA TRP B 66 20.87 -2.00 -22.95
C TRP B 66 20.89 -3.05 -24.05
N VAL B 67 20.32 -4.20 -23.73
CA VAL B 67 20.23 -5.34 -24.61
C VAL B 67 18.77 -5.48 -25.00
N SER B 68 18.50 -5.54 -26.29
CA SER B 68 17.15 -5.82 -26.75
C SER B 68 16.98 -7.34 -26.85
N VAL B 69 15.73 -7.78 -26.65
CA VAL B 69 15.41 -9.19 -26.43
C VAL B 69 14.22 -9.58 -27.30
N GLY B 70 14.28 -10.77 -27.90
CA GLY B 70 13.16 -11.29 -28.66
C GLY B 70 11.82 -11.25 -27.95
N SER B 71 10.76 -10.91 -28.69
CA SER B 71 9.42 -10.86 -28.13
C SER B 71 8.97 -12.19 -27.51
N ALA B 72 9.55 -13.31 -27.93
CA ALA B 72 9.15 -14.61 -27.36
C ALA B 72 9.48 -14.72 -25.89
N HIS B 73 10.43 -13.96 -25.41
CA HIS B 73 10.89 -14.12 -24.05
C HIS B 73 10.05 -13.27 -23.11
N THR B 74 10.10 -13.61 -21.83
CA THR B 74 9.31 -12.91 -20.82
C THR B 74 10.22 -12.06 -19.95
N LEU B 75 9.76 -10.84 -19.69
CA LEU B 75 10.43 -9.94 -18.77
C LEU B 75 9.80 -10.03 -17.39
N GLN B 76 10.62 -10.04 -16.36
CA GLN B 76 10.14 -9.96 -14.98
CA GLN B 76 10.14 -9.96 -14.99
C GLN B 76 10.67 -8.68 -14.35
N GLY B 77 9.75 -7.88 -13.82
CA GLY B 77 10.12 -6.66 -13.12
C GLY B 77 10.61 -6.95 -11.72
N ALA B 78 11.66 -7.77 -11.61
CA ALA B 78 12.16 -8.24 -10.33
C ALA B 78 13.63 -8.55 -10.45
N VAL B 79 14.25 -8.84 -9.30
N VAL B 79 14.25 -8.85 -9.30
CA VAL B 79 15.65 -9.23 -9.24
CA VAL B 79 15.65 -9.24 -9.24
C VAL B 79 15.75 -10.52 -8.44
C VAL B 79 15.75 -10.53 -8.44
N SER B 80 16.59 -11.44 -8.89
CA SER B 80 16.80 -12.71 -8.20
C SER B 80 17.50 -12.51 -6.87
N ASN B 81 17.03 -13.21 -5.82
CA ASN B 81 17.73 -13.18 -4.54
C ASN B 81 18.72 -14.34 -4.39
N TYR B 82 18.89 -15.15 -5.43
CA TYR B 82 19.86 -16.24 -5.47
C TYR B 82 19.61 -17.27 -4.38
N SER B 83 18.41 -17.31 -3.83
CA SER B 83 18.02 -18.42 -2.96
C SER B 83 16.63 -18.92 -3.33
N GLY B 84 16.20 -18.72 -4.58
CA GLY B 84 14.94 -19.21 -5.09
C GLY B 84 13.82 -18.20 -5.15
N GLY B 85 14.04 -16.98 -4.68
CA GLY B 85 13.00 -15.99 -4.72
C GLY B 85 13.45 -14.72 -5.42
N THR B 86 12.62 -13.68 -5.34
CA THR B 86 12.83 -12.44 -6.09
C THR B 86 12.51 -11.24 -5.21
N ILE B 87 12.93 -10.06 -5.66
CA ILE B 87 12.51 -8.78 -5.09
C ILE B 87 11.86 -7.97 -6.20
N ALA B 88 10.61 -7.57 -5.99
CA ALA B 88 9.92 -6.78 -6.99
C ALA B 88 10.55 -5.40 -7.11
N ILE B 89 10.65 -4.92 -8.35
CA ILE B 89 11.13 -3.57 -8.62
C ILE B 89 9.90 -2.67 -8.81
N ARG B 90 9.87 -1.57 -8.06
CA ARG B 90 8.73 -0.65 -8.06
C ARG B 90 9.03 0.69 -8.73
N GLY B 91 10.30 1.03 -8.91
CA GLY B 91 10.65 2.29 -9.53
C GLY B 91 12.15 2.50 -9.40
N SER B 92 12.57 3.74 -9.54
CA SER B 92 14.00 4.04 -9.52
C SER B 92 14.31 5.22 -8.62
N ALA B 93 13.69 5.29 -7.44
CA ALA B 93 14.00 6.37 -6.50
C ALA B 93 15.43 6.22 -5.99
N GLU B 94 16.26 7.24 -6.19
CA GLU B 94 17.68 7.12 -5.84
C GLU B 94 17.86 7.20 -4.33
N ALA B 95 18.60 6.23 -3.78
CA ALA B 95 18.82 6.18 -2.34
C ALA B 95 20.00 7.04 -1.93
N ALA B 96 19.91 7.60 -0.73
CA ALA B 96 20.87 8.56 -0.20
C ALA B 96 22.10 7.84 0.34
N ILE B 97 23.16 8.63 0.56
CA ILE B 97 24.35 8.09 1.20
C ILE B 97 24.00 7.55 2.59
N GLY B 98 24.42 6.31 2.87
CA GLY B 98 24.13 5.63 4.11
C GLY B 98 22.92 4.72 4.07
N ALA B 99 22.12 4.77 3.01
CA ALA B 99 20.96 3.90 2.94
C ALA B 99 21.36 2.47 2.60
N ALA B 100 20.53 1.53 3.06
CA ALA B 100 20.76 0.13 2.76
C ALA B 100 20.53 -0.14 1.28
N VAL B 101 21.32 -1.07 0.74
CA VAL B 101 21.21 -1.45 -0.66
C VAL B 101 21.73 -2.88 -0.78
N CYS B 102 21.23 -3.60 -1.78
CA CYS B 102 21.77 -4.90 -2.13
C CYS B 102 22.01 -4.96 -3.63
N ARG B 103 22.82 -5.93 -4.05
CA ARG B 103 23.07 -6.17 -5.45
C ARG B 103 22.99 -7.68 -5.73
N SER B 104 22.83 -8.02 -7.00
CA SER B 104 22.63 -9.39 -7.41
C SER B 104 23.43 -9.65 -8.68
N GLY B 105 24.16 -10.75 -8.70
CA GLY B 105 25.00 -11.08 -9.85
C GLY B 105 25.40 -12.54 -9.80
N ARG B 106 25.94 -13.02 -10.91
CA ARG B 106 26.18 -14.45 -11.10
C ARG B 106 27.38 -14.98 -10.33
N THR B 107 28.27 -14.11 -9.87
CA THR B 107 29.49 -14.59 -9.22
C THR B 107 29.35 -14.68 -7.70
N THR B 108 28.94 -13.58 -7.06
CA THR B 108 28.77 -13.54 -5.61
C THR B 108 27.32 -13.69 -5.19
N GLY B 109 26.40 -13.82 -6.14
CA GLY B 109 24.99 -13.95 -5.78
C GLY B 109 24.42 -12.64 -5.25
N TYR B 110 23.81 -12.71 -4.07
CA TYR B 110 23.01 -11.63 -3.49
C TYR B 110 23.74 -11.09 -2.27
N ARG B 111 24.16 -9.83 -2.33
CA ARG B 111 24.98 -9.22 -1.29
C ARG B 111 24.42 -7.86 -0.91
N CYS B 112 24.60 -7.47 0.35
CA CYS B 112 23.99 -6.24 0.84
C CYS B 112 25.03 -5.36 1.53
N GLY B 113 24.77 -4.06 1.50
CA GLY B 113 25.64 -3.08 2.15
C GLY B 113 24.96 -1.74 2.22
N ASN B 114 25.74 -0.66 2.12
CA ASN B 114 25.22 0.69 2.17
C ASN B 114 25.79 1.53 1.03
N ILE B 115 25.02 2.52 0.60
CA ILE B 115 25.56 3.55 -0.27
C ILE B 115 26.58 4.35 0.52
N THR B 116 27.75 4.55 -0.08
CA THR B 116 28.80 5.30 0.59
C THR B 116 29.24 6.56 -0.12
N ALA B 117 28.98 6.71 -1.42
CA ALA B 117 29.40 7.95 -2.08
C ALA B 117 28.70 8.09 -3.41
N LYS B 118 28.64 9.33 -3.90
CA LYS B 118 28.06 9.59 -5.20
C LYS B 118 29.04 10.38 -6.06
N ASN B 119 28.86 10.26 -7.38
CA ASN B 119 29.62 11.06 -8.35
C ASN B 119 31.12 10.77 -8.28
N VAL B 120 31.47 9.50 -8.09
CA VAL B 120 32.86 9.04 -8.13
C VAL B 120 33.27 8.86 -9.58
N THR B 121 34.47 9.33 -9.93
CA THR B 121 35.08 9.03 -11.23
C THR B 121 36.09 7.92 -11.05
N ALA B 122 35.86 6.80 -11.72
CA ALA B 122 36.76 5.66 -11.68
C ALA B 122 37.75 5.73 -12.83
N ASN B 123 39.04 5.50 -12.54
CA ASN B 123 40.06 5.42 -13.59
C ASN B 123 40.28 3.96 -13.98
N TYR B 124 39.38 3.46 -14.80
CA TYR B 124 39.50 2.08 -15.25
C TYR B 124 40.66 1.95 -16.26
N ALA B 125 41.01 0.69 -16.55
CA ALA B 125 42.10 0.44 -17.49
C ALA B 125 41.80 1.00 -18.88
N GLU B 126 40.54 1.00 -19.30
CA GLU B 126 40.21 1.45 -20.64
C GLU B 126 39.77 2.92 -20.68
N GLY B 127 39.80 3.61 -19.53
CA GLY B 127 39.50 5.03 -19.50
C GLY B 127 38.73 5.44 -18.27
N ALA B 128 38.55 6.75 -18.08
CA ALA B 128 37.79 7.25 -16.95
C ALA B 128 36.29 7.06 -17.20
N VAL B 129 35.56 6.71 -16.13
CA VAL B 129 34.11 6.64 -16.11
C VAL B 129 33.61 7.56 -15.00
N ARG B 130 32.72 8.47 -15.34
CA ARG B 130 32.33 9.54 -14.44
C ARG B 130 31.00 9.26 -13.76
N GLY B 131 30.80 9.91 -12.61
CA GLY B 131 29.49 9.96 -11.98
C GLY B 131 29.01 8.66 -11.37
N LEU B 132 29.92 7.78 -10.96
CA LEU B 132 29.52 6.50 -10.41
C LEU B 132 29.13 6.64 -8.93
N THR B 133 28.19 5.80 -8.50
CA THR B 133 27.82 5.71 -7.09
C THR B 133 28.59 4.58 -6.45
N GLN B 134 29.04 4.79 -5.22
CA GLN B 134 29.80 3.81 -4.47
C GLN B 134 28.95 3.20 -3.36
N GLY B 135 29.08 1.90 -3.16
CA GLY B 135 28.55 1.22 -1.98
C GLY B 135 29.58 0.27 -1.42
N ASN B 136 29.24 -0.39 -0.30
CA ASN B 136 30.17 -1.36 0.27
C ASN B 136 29.60 -2.77 0.35
N ALA B 137 28.50 -3.07 -0.31
CA ALA B 137 28.23 -4.46 -0.64
C ALA B 137 29.38 -5.02 -1.48
N CYS B 138 29.65 -6.31 -1.31
CA CYS B 138 30.76 -6.91 -2.04
C CYS B 138 30.29 -7.50 -3.37
N MET B 139 31.26 -7.82 -4.22
N MET B 139 31.27 -7.82 -4.22
CA MET B 139 31.00 -8.23 -5.60
CA MET B 139 31.01 -8.22 -5.60
C MET B 139 32.26 -8.86 -6.16
C MET B 139 32.27 -8.86 -6.16
N GLY B 140 32.12 -9.51 -7.31
CA GLY B 140 33.26 -10.11 -7.98
C GLY B 140 33.07 -10.14 -9.49
N ARG B 141 34.19 -10.33 -10.20
CA ARG B 141 34.17 -10.42 -11.66
C ARG B 141 33.09 -11.38 -12.12
N GLY B 142 32.22 -10.89 -12.99
CA GLY B 142 31.05 -11.62 -13.45
C GLY B 142 29.75 -11.05 -12.92
N ASP B 143 29.81 -10.39 -11.76
CA ASP B 143 28.66 -9.63 -11.27
C ASP B 143 28.38 -8.41 -12.15
N SER B 144 29.34 -8.03 -13.01
CA SER B 144 29.25 -6.84 -13.88
C SER B 144 27.90 -6.68 -14.56
N GLY B 145 27.37 -5.46 -14.50
CA GLY B 145 26.11 -5.14 -15.11
C GLY B 145 24.88 -5.51 -14.31
N GLY B 146 25.04 -6.23 -13.20
CA GLY B 146 23.92 -6.71 -12.44
C GLY B 146 23.29 -5.64 -11.54
N SER B 147 22.18 -6.03 -10.93
CA SER B 147 21.29 -5.10 -10.25
C SER B 147 21.87 -4.58 -8.95
N TRP B 148 21.79 -3.26 -8.74
CA TRP B 148 21.78 -2.65 -7.42
C TRP B 148 20.39 -2.06 -7.18
N PHE B 149 19.88 -2.26 -5.96
CA PHE B 149 18.50 -1.95 -5.63
C PHE B 149 18.37 -1.87 -4.12
N THR B 150 17.40 -1.09 -3.64
CA THR B 150 17.03 -1.20 -2.24
C THR B 150 16.08 -2.36 -2.06
N SER B 151 16.11 -2.96 -0.87
CA SER B 151 15.24 -4.10 -0.63
C SER B 151 13.76 -3.73 -0.73
N ALA B 152 13.44 -2.46 -0.51
CA ALA B 152 12.10 -1.94 -0.75
C ALA B 152 11.76 -1.84 -2.23
N GLY B 153 12.66 -2.25 -3.12
CA GLY B 153 12.34 -2.36 -4.54
C GLY B 153 12.61 -1.13 -5.39
N GLN B 154 13.50 -0.24 -4.98
CA GLN B 154 13.91 0.90 -5.82
C GLN B 154 15.22 0.56 -6.51
N ALA B 155 15.13 0.40 -7.84
CA ALA B 155 16.32 0.16 -8.66
C ALA B 155 17.31 1.33 -8.54
N GLN B 156 18.57 1.01 -8.26
CA GLN B 156 19.61 2.02 -8.14
C GLN B 156 20.51 2.10 -9.37
N GLY B 157 21.03 0.98 -9.85
CA GLY B 157 21.93 1.02 -10.98
C GLY B 157 22.47 -0.36 -11.30
N VAL B 158 23.50 -0.36 -12.17
CA VAL B 158 24.12 -1.57 -12.68
C VAL B 158 25.59 -1.64 -12.27
N MET B 159 26.02 -2.81 -11.83
CA MET B 159 27.40 -3.05 -11.39
C MET B 159 28.40 -2.64 -12.47
N SER B 160 29.41 -1.87 -12.06
CA SER B 160 30.39 -1.29 -12.99
C SER B 160 31.82 -1.70 -12.69
N GLY B 161 32.25 -1.63 -11.44
CA GLY B 161 33.63 -1.94 -11.11
C GLY B 161 33.87 -1.80 -9.63
N GLY B 162 35.13 -1.90 -9.25
CA GLY B 162 35.54 -1.74 -7.87
C GLY B 162 36.78 -2.56 -7.55
N ASN B 163 37.15 -2.53 -6.25
CA ASN B 163 38.46 -3.01 -5.82
C ASN B 163 38.44 -4.51 -5.50
N VAL B 164 38.31 -5.30 -6.57
CA VAL B 164 38.37 -6.74 -6.40
C VAL B 164 39.77 -7.13 -5.97
N GLN B 165 39.88 -8.21 -5.22
CA GLN B 165 41.15 -8.71 -4.72
C GLN B 165 41.66 -9.83 -5.64
N SER B 166 42.75 -10.49 -5.25
CA SER B 166 43.38 -11.50 -6.10
CA SER B 166 43.37 -11.48 -6.13
C SER B 166 42.43 -12.66 -6.40
N ASN B 167 41.52 -12.96 -5.47
CA ASN B 167 40.53 -14.00 -5.71
C ASN B 167 39.38 -13.54 -6.61
N GLY B 168 39.47 -12.34 -7.21
CA GLY B 168 38.42 -11.87 -8.10
C GLY B 168 37.26 -11.14 -7.44
N ASN B 169 37.25 -10.99 -6.11
CA ASN B 169 36.13 -10.33 -5.43
C ASN B 169 36.65 -9.50 -4.26
N ASN B 170 35.78 -8.66 -3.70
CA ASN B 170 36.11 -7.95 -2.47
C ASN B 170 35.21 -8.38 -1.31
N CYS B 171 34.71 -9.61 -1.37
CA CYS B 171 33.94 -10.18 -0.26
C CYS B 171 34.83 -10.67 0.88
N GLY B 172 36.10 -11.00 0.62
CA GLY B 172 37.06 -11.43 1.62
C GLY B 172 37.64 -10.34 2.52
N ILE B 173 37.31 -9.09 2.26
CA ILE B 173 37.62 -7.99 3.17
C ILE B 173 36.30 -7.49 3.70
N PRO B 174 36.29 -6.75 4.80
CA PRO B 174 35.03 -6.22 5.32
C PRO B 174 34.58 -4.96 4.58
N ALA B 175 33.29 -4.65 4.75
CA ALA B 175 32.68 -3.51 4.07
C ALA B 175 33.51 -2.22 4.21
N SER B 176 34.18 -2.06 5.34
CA SER B 176 34.99 -0.87 5.59
C SER B 176 35.99 -0.62 4.48
N GLN B 177 36.54 -1.70 3.90
CA GLN B 177 37.61 -1.62 2.92
C GLN B 177 37.11 -1.81 1.49
N ARG B 178 35.79 -1.85 1.26
CA ARG B 178 35.26 -2.09 -0.07
C ARG B 178 34.86 -0.81 -0.78
N SER B 179 35.20 -0.74 -2.07
CA SER B 179 34.73 0.27 -3.00
C SER B 179 34.05 -0.47 -4.15
N SER B 180 32.72 -0.40 -4.19
CA SER B 180 31.93 -1.10 -5.21
C SER B 180 31.13 -0.04 -5.95
N LEU B 181 31.39 0.10 -7.25
CA LEU B 181 30.87 1.21 -8.04
C LEU B 181 29.76 0.75 -8.97
N PHE B 182 28.70 1.54 -9.07
CA PHE B 182 27.67 1.23 -10.06
C PHE B 182 27.23 2.49 -10.81
N GLU B 183 26.75 2.26 -12.03
CA GLU B 183 26.23 3.29 -12.91
C GLU B 183 24.75 3.48 -12.58
N ARG B 184 24.34 4.73 -12.37
CA ARG B 184 22.96 5.01 -11.95
CA ARG B 184 22.97 5.01 -11.96
C ARG B 184 22.00 4.64 -13.08
N VAL B 185 20.88 4.02 -12.70
CA VAL B 185 19.94 3.53 -13.71
C VAL B 185 19.18 4.67 -14.37
N GLY B 186 18.83 5.71 -13.60
CA GLY B 186 18.06 6.84 -14.09
C GLY B 186 18.48 7.39 -15.44
N PRO B 187 19.73 7.82 -15.57
CA PRO B 187 20.19 8.37 -16.86
C PRO B 187 20.18 7.35 -17.99
N ILE B 188 20.30 6.06 -17.69
CA ILE B 188 20.24 5.03 -18.73
C ILE B 188 18.85 4.97 -19.34
N LEU B 189 17.83 4.94 -18.48
CA LEU B 189 16.45 4.92 -18.96
C LEU B 189 16.17 6.17 -19.79
N SER B 190 16.70 7.31 -19.36
N SER B 190 16.70 7.31 -19.36
CA SER B 190 16.40 8.57 -20.02
CA SER B 190 16.39 8.57 -20.02
C SER B 190 17.09 8.67 -21.37
C SER B 190 17.09 8.67 -21.37
N GLN B 191 18.37 8.30 -21.43
CA GLN B 191 19.08 8.40 -22.69
C GLN B 191 18.48 7.51 -23.77
N TYR B 192 17.94 6.35 -23.39
CA TYR B 192 17.49 5.39 -24.38
C TYR B 192 15.97 5.27 -24.44
N GLY B 193 15.25 6.21 -23.82
CA GLY B 193 13.79 6.14 -23.83
C GLY B 193 13.24 4.82 -23.31
N LEU B 194 13.83 4.29 -22.25
CA LEU B 194 13.41 2.99 -21.73
C LEU B 194 12.53 3.15 -20.50
N SER B 195 11.67 2.14 -20.28
CA SER B 195 10.80 2.10 -19.11
C SER B 195 11.07 0.85 -18.29
N LEU B 196 11.33 1.07 -17.00
CA LEU B 196 11.47 -0.04 -16.06
C LEU B 196 10.21 -0.89 -16.04
N VAL B 197 10.38 -2.21 -16.13
CA VAL B 197 9.28 -3.12 -15.83
C VAL B 197 9.15 -3.15 -14.31
N THR B 198 7.95 -2.83 -13.81
CA THR B 198 7.68 -2.83 -12.38
C THR B 198 6.66 -3.90 -12.03
N SER B 199 6.68 -4.33 -10.77
CA SER B 199 5.80 -5.40 -10.34
C SER B 199 5.40 -5.21 -8.88
N VAL C 1 -25.54 24.76 25.67
CA VAL C 1 -24.84 24.31 24.48
C VAL C 1 -25.73 23.42 23.63
N ASN C 2 -25.38 23.37 22.35
CA ASN C 2 -26.00 22.50 21.36
C ASN C 2 -25.19 21.21 21.32
N VAL C 3 -25.83 20.08 21.66
CA VAL C 3 -25.18 18.79 21.53
C VAL C 3 -25.35 18.32 20.09
N LEU C 4 -24.23 18.03 19.44
CA LEU C 4 -24.16 17.77 18.01
C LEU C 4 -23.06 16.75 17.76
N GLY C 5 -23.33 15.79 16.87
CA GLY C 5 -22.34 14.76 16.60
C GLY C 5 -20.99 15.28 16.16
N GLY C 6 -19.92 14.72 16.72
CA GLY C 6 -18.56 15.00 16.27
C GLY C 6 -17.84 16.14 16.96
N ILE C 7 -18.52 16.96 17.75
CA ILE C 7 -17.89 18.13 18.35
C ILE C 7 -17.06 17.72 19.56
N GLU C 8 -16.08 18.55 19.90
CA GLU C 8 -15.18 18.26 21.00
C GLU C 8 -15.92 18.33 22.33
N TYR C 9 -15.51 17.47 23.28
CA TYR C 9 -15.91 17.63 24.68
C TYR C 9 -14.77 17.17 25.57
N SER C 10 -14.72 17.72 26.79
CA SER C 10 -13.65 17.39 27.71
C SER C 10 -14.21 16.51 28.84
N ILE C 11 -13.31 15.79 29.49
CA ILE C 11 -13.67 14.82 30.52
C ILE C 11 -12.85 15.15 31.76
N ASN C 12 -13.52 15.52 32.85
CA ASN C 12 -12.84 15.85 34.10
C ASN C 12 -11.73 16.88 33.89
N ASN C 13 -11.97 17.80 32.94
CA ASN C 13 -11.01 18.88 32.63
C ASN C 13 -9.61 18.35 32.35
N ALA C 14 -9.50 17.17 31.74
CA ALA C 14 -8.21 16.51 31.60
C ALA C 14 -7.97 15.89 30.22
N THR C 15 -8.99 15.40 29.53
CA THR C 15 -8.81 14.72 28.26
C THR C 15 -9.94 15.10 27.33
N LEU C 16 -9.75 14.87 26.03
CA LEU C 16 -10.72 15.24 25.02
C LEU C 16 -11.23 14.01 24.27
N CYS C 17 -12.53 14.00 23.97
CA CYS C 17 -13.12 13.06 23.04
C CYS C 17 -14.09 13.84 22.14
N SER C 18 -14.91 13.12 21.38
CA SER C 18 -15.84 13.73 20.45
C SER C 18 -17.22 13.11 20.60
N VAL C 19 -18.26 13.92 20.40
CA VAL C 19 -19.62 13.44 20.58
C VAL C 19 -19.97 12.39 19.53
N GLY C 20 -20.56 11.28 19.97
CA GLY C 20 -21.15 10.32 19.07
C GLY C 20 -22.47 10.79 18.49
N PHE C 21 -23.58 10.55 19.18
CA PHE C 21 -24.89 10.96 18.68
C PHE C 21 -25.79 11.38 19.83
N SER C 22 -26.57 12.43 19.61
CA SER C 22 -27.63 12.81 20.54
C SER C 22 -28.64 11.68 20.68
N VAL C 23 -29.07 11.44 21.93
CA VAL C 23 -30.05 10.41 22.26
C VAL C 23 -30.94 10.95 23.37
N THR C 24 -32.10 10.30 23.53
CA THR C 24 -32.93 10.49 24.69
C THR C 24 -33.22 9.14 25.35
N ARG C 25 -33.43 9.19 26.67
CA ARG C 25 -33.69 8.02 27.50
C ARG C 25 -34.91 8.44 28.31
N GLY C 26 -36.10 8.17 27.76
CA GLY C 26 -37.29 8.84 28.27
C GLY C 26 -37.17 10.33 28.04
N ALA C 27 -37.39 11.09 29.09
CA ALA C 27 -37.24 12.54 29.05
C ALA C 27 -35.82 12.98 29.32
N THR C 28 -34.90 12.05 29.59
CA THR C 28 -33.51 12.42 29.84
C THR C 28 -32.79 12.69 28.51
N LYS C 29 -31.97 13.73 28.50
CA LYS C 29 -31.16 14.07 27.34
C LYS C 29 -29.77 13.49 27.51
N GLY C 30 -29.14 13.15 26.39
CA GLY C 30 -27.78 12.67 26.45
C GLY C 30 -27.20 12.41 25.07
N PHE C 31 -26.00 11.86 25.06
CA PHE C 31 -25.38 11.39 23.83
C PHE C 31 -24.56 10.13 24.10
N VAL C 32 -24.41 9.31 23.03
CA VAL C 32 -23.59 8.12 23.10
C VAL C 32 -22.19 8.50 22.67
N THR C 33 -21.22 7.78 23.18
CA THR C 33 -19.81 8.03 22.90
C THR C 33 -19.05 6.74 23.20
N ALA C 34 -17.73 6.81 23.20
CA ALA C 34 -16.92 5.63 23.48
C ALA C 34 -16.77 5.46 24.98
N GLY C 35 -16.77 4.20 25.42
CA GLY C 35 -16.56 3.91 26.82
C GLY C 35 -15.19 4.31 27.33
N HIS C 36 -14.16 4.24 26.48
CA HIS C 36 -12.82 4.56 26.99
C HIS C 36 -12.66 6.06 27.24
N CYS C 37 -13.64 6.88 26.88
CA CYS C 37 -13.48 8.31 27.11
C CYS C 37 -13.67 8.72 28.57
N GLY C 38 -14.37 7.91 29.35
CA GLY C 38 -14.55 8.25 30.75
C GLY C 38 -15.27 7.20 31.56
N GLY C 39 -15.04 7.19 32.88
CA GLY C 39 -15.73 6.28 33.76
C GLY C 39 -17.03 6.88 34.30
N VAL C 40 -17.78 6.05 35.03
CA VAL C 40 -19.08 6.49 35.52
C VAL C 40 -18.89 7.75 36.36
N GLY C 41 -19.77 8.73 36.17
CA GLY C 41 -19.66 9.98 36.90
C GLY C 41 -18.68 11.00 36.33
N ALA C 42 -17.82 10.61 35.38
CA ALA C 42 -16.90 11.58 34.79
C ALA C 42 -17.64 12.81 34.29
N ILE C 43 -17.07 13.97 34.54
CA ILE C 43 -17.72 15.24 34.28
C ILE C 43 -17.37 15.70 32.88
N VAL C 44 -18.40 15.97 32.06
CA VAL C 44 -18.24 16.33 30.66
C VAL C 44 -18.46 17.82 30.48
N ARG C 45 -17.51 18.48 29.81
CA ARG C 45 -17.60 19.90 29.52
C ARG C 45 -17.59 20.11 28.01
N ILE C 46 -18.44 21.02 27.56
CA ILE C 46 -18.44 21.48 26.18
C ILE C 46 -18.45 23.01 26.23
N GLY C 47 -17.38 23.62 25.74
CA GLY C 47 -17.25 25.07 25.70
C GLY C 47 -17.26 25.72 27.07
N GLY C 48 -16.27 25.37 27.90
CA GLY C 48 -16.12 25.91 29.25
C GLY C 48 -17.35 25.82 30.12
N THR C 49 -18.18 24.80 29.91
CA THR C 49 -19.43 24.66 30.64
C THR C 49 -19.72 23.20 30.96
N GLN C 50 -20.11 22.95 32.21
CA GLN C 50 -20.59 21.63 32.59
C GLN C 50 -21.89 21.34 31.86
N VAL C 51 -21.90 20.31 31.03
CA VAL C 51 -23.12 19.92 30.35
C VAL C 51 -23.62 18.56 30.76
N GLY C 52 -22.77 17.68 31.30
CA GLY C 52 -23.28 16.36 31.60
C GLY C 52 -22.30 15.50 32.34
N SER C 53 -22.74 14.27 32.58
CA SER C 53 -21.94 13.31 33.33
C SER C 53 -22.05 11.96 32.64
N PHE C 54 -20.94 11.24 32.64
CA PHE C 54 -20.94 9.86 32.16
C PHE C 54 -21.93 9.03 32.96
N ALA C 55 -23.03 8.64 32.31
CA ALA C 55 -24.10 7.91 32.97
C ALA C 55 -23.76 6.43 33.12
N ALA C 56 -23.24 5.83 32.05
CA ALA C 56 -22.92 4.42 32.05
C ALA C 56 -21.82 4.17 31.04
N ARG C 57 -21.06 3.09 31.25
CA ARG C 57 -20.00 2.78 30.31
C ARG C 57 -19.62 1.30 30.40
N VAL C 58 -19.16 0.78 29.26
CA VAL C 58 -18.55 -0.55 29.17
C VAL C 58 -17.25 -0.38 28.40
N PHE C 59 -16.14 -0.66 29.08
CA PHE C 59 -14.81 -0.68 28.46
C PHE C 59 -13.84 -1.28 29.47
N PRO C 60 -12.96 -2.21 29.07
CA PRO C 60 -12.86 -2.76 27.72
C PRO C 60 -13.86 -3.89 27.51
N GLY C 61 -13.53 -4.87 26.67
CA GLY C 61 -14.53 -5.85 26.31
C GLY C 61 -15.42 -5.27 25.23
N ASN C 62 -16.30 -4.34 25.62
CA ASN C 62 -16.91 -3.46 24.63
C ASN C 62 -16.20 -2.11 24.71
N ASP C 63 -16.76 -1.11 24.03
CA ASP C 63 -16.23 0.25 24.13
C ASP C 63 -17.40 1.21 23.87
N ARG C 64 -18.23 1.39 24.89
CA ARG C 64 -19.47 2.16 24.73
C ARG C 64 -19.79 2.94 26.00
N ALA C 65 -20.53 4.03 25.82
CA ALA C 65 -21.00 4.81 26.96
C ALA C 65 -22.12 5.74 26.50
N TRP C 66 -22.85 6.27 27.46
CA TRP C 66 -23.71 7.40 27.19
C TRP C 66 -23.56 8.41 28.32
N VAL C 67 -23.55 9.69 27.93
CA VAL C 67 -23.41 10.81 28.83
C VAL C 67 -24.80 11.38 29.07
N SER C 68 -25.15 11.57 30.35
CA SER C 68 -26.39 12.22 30.71
C SER C 68 -26.16 13.73 30.73
N VAL C 69 -27.06 14.46 30.04
CA VAL C 69 -26.91 15.89 29.78
C VAL C 69 -27.94 16.68 30.58
N GLY C 70 -27.54 17.87 31.06
CA GLY C 70 -28.45 18.74 31.81
C GLY C 70 -29.57 19.31 30.95
N SER C 71 -30.58 19.84 31.65
CA SER C 71 -31.82 20.24 30.98
C SER C 71 -31.67 21.51 30.16
N ALA C 72 -30.67 22.33 30.44
CA ALA C 72 -30.50 23.60 29.73
C ALA C 72 -30.02 23.43 28.30
N HIS C 73 -29.60 22.24 27.90
CA HIS C 73 -28.85 22.06 26.67
C HIS C 73 -29.74 21.46 25.59
N THR C 74 -29.47 21.84 24.35
CA THR C 74 -30.30 21.40 23.24
C THR C 74 -29.62 20.21 22.57
N LEU C 75 -30.44 19.25 22.13
CA LEU C 75 -29.98 18.07 21.40
C LEU C 75 -30.28 18.24 19.92
N GLN C 76 -29.26 18.10 19.09
CA GLN C 76 -29.41 18.20 17.65
C GLN C 76 -29.21 16.82 17.03
N GLY C 77 -30.23 16.33 16.34
CA GLY C 77 -30.15 15.04 15.70
C GLY C 77 -29.32 15.09 14.43
N ALA C 78 -28.02 15.34 14.57
CA ALA C 78 -27.21 15.61 13.39
C ALA C 78 -25.75 15.53 13.81
N VAL C 79 -24.87 15.69 12.82
N VAL C 79 -24.86 15.66 12.82
CA VAL C 79 -23.42 15.57 12.98
CA VAL C 79 -23.42 15.60 13.05
C VAL C 79 -22.76 16.77 12.31
C VAL C 79 -22.77 16.77 12.33
N SER C 80 -21.78 17.37 12.99
CA SER C 80 -21.05 18.48 12.38
C SER C 80 -20.24 17.99 11.17
N ASN C 81 -20.26 18.79 10.08
CA ASN C 81 -19.42 18.51 8.92
C ASN C 81 -18.10 19.27 8.96
N TYR C 82 -17.84 20.00 10.04
CA TYR C 82 -16.61 20.74 10.27
C TYR C 82 -16.34 21.80 9.21
N SER C 83 -17.36 22.21 8.47
CA SER C 83 -17.23 23.36 7.59
C SER C 83 -18.47 24.24 7.70
N GLY C 84 -18.96 24.41 8.93
CA GLY C 84 -20.10 25.27 9.19
C GLY C 84 -21.46 24.64 8.99
N GLY C 85 -21.55 23.39 8.53
CA GLY C 85 -22.80 22.73 8.30
C GLY C 85 -22.94 21.45 9.10
N THR C 86 -24.08 20.78 8.89
CA THR C 86 -24.43 19.56 9.62
C THR C 86 -25.04 18.57 8.65
N ILE C 87 -24.98 17.29 9.03
CA ILE C 87 -25.67 16.21 8.32
C ILE C 87 -26.73 15.63 9.24
N ALA C 88 -27.97 15.59 8.75
CA ALA C 88 -29.05 15.08 9.57
C ALA C 88 -28.93 13.57 9.79
N ILE C 89 -29.26 13.12 10.98
CA ILE C 89 -29.32 11.70 11.30
C ILE C 89 -30.77 11.25 11.16
N ARG C 90 -30.99 10.16 10.42
CA ARG C 90 -32.35 9.71 10.17
C ARG C 90 -32.61 8.32 10.71
N GLY C 91 -31.59 7.59 11.16
CA GLY C 91 -31.76 6.24 11.64
C GLY C 91 -30.42 5.63 11.98
N SER C 92 -30.46 4.32 12.24
CA SER C 92 -29.27 3.54 12.54
C SER C 92 -29.24 2.23 11.73
N ALA C 93 -29.59 2.30 10.45
CA ALA C 93 -29.49 1.11 9.60
C ALA C 93 -28.01 0.78 9.37
N GLU C 94 -27.60 -0.43 9.72
CA GLU C 94 -26.19 -0.78 9.63
C GLU C 94 -25.76 -0.99 8.17
N ALA C 95 -24.68 -0.33 7.78
CA ALA C 95 -24.15 -0.43 6.43
C ALA C 95 -23.29 -1.67 6.26
N ALA C 96 -23.16 -2.12 5.02
CA ALA C 96 -22.44 -3.35 4.71
C ALA C 96 -20.98 -3.05 4.36
N ILE C 97 -20.19 -4.13 4.36
CA ILE C 97 -18.80 -4.03 3.95
C ILE C 97 -18.74 -3.50 2.53
N GLY C 98 -17.80 -2.58 2.29
CA GLY C 98 -17.74 -1.86 1.05
C GLY C 98 -18.52 -0.56 1.02
N ALA C 99 -19.48 -0.36 1.91
CA ALA C 99 -20.31 0.84 1.83
C ALA C 99 -19.53 2.09 2.23
N ALA C 100 -19.90 3.22 1.63
CA ALA C 100 -19.27 4.48 1.97
C ALA C 100 -19.77 4.98 3.33
N VAL C 101 -18.84 5.52 4.12
CA VAL C 101 -19.14 6.04 5.44
C VAL C 101 -18.21 7.22 5.70
N CYS C 102 -18.66 8.16 6.53
CA CYS C 102 -17.83 9.26 6.98
C CYS C 102 -17.83 9.26 8.50
N ARG C 103 -16.82 9.92 9.09
CA ARG C 103 -16.82 10.16 10.53
C ARG C 103 -16.48 11.62 10.84
N SER C 104 -16.79 12.04 12.06
CA SER C 104 -16.64 13.42 12.50
C SER C 104 -16.06 13.46 13.91
N GLY C 105 -15.11 14.36 14.12
CA GLY C 105 -14.33 14.32 15.33
C GLY C 105 -13.45 15.53 15.48
N ARG C 106 -13.05 15.78 16.72
CA ARG C 106 -12.38 17.01 17.10
C ARG C 106 -10.98 17.14 16.50
N THR C 107 -10.34 16.03 16.17
CA THR C 107 -8.93 16.10 15.79
C THR C 107 -8.72 16.17 14.28
N THR C 108 -9.37 15.30 13.52
CA THR C 108 -9.23 15.29 12.06
C THR C 108 -10.45 15.83 11.34
N GLY C 109 -11.44 16.32 12.08
CA GLY C 109 -12.62 16.86 11.44
C GLY C 109 -13.47 15.78 10.80
N TYR C 110 -13.97 16.08 9.62
CA TYR C 110 -14.88 15.22 8.89
C TYR C 110 -14.09 14.45 7.85
N ARG C 111 -14.19 13.12 7.87
CA ARG C 111 -13.36 12.28 7.03
C ARG C 111 -14.18 11.11 6.51
N CYS C 112 -13.87 10.65 5.29
CA CYS C 112 -14.67 9.62 4.66
C CYS C 112 -13.80 8.51 4.08
N GLY C 113 -14.40 7.33 3.97
CA GLY C 113 -13.76 6.13 3.45
C GLY C 113 -14.85 5.09 3.26
N ASN C 114 -14.54 3.81 3.45
CA ASN C 114 -15.57 2.79 3.38
C ASN C 114 -15.41 1.79 4.51
N ILE C 115 -16.48 1.04 4.73
CA ILE C 115 -16.47 -0.06 5.68
CA ILE C 115 -16.44 -0.05 5.69
C ILE C 115 -15.64 -1.20 5.10
N THR C 116 -14.71 -1.75 5.89
CA THR C 116 -13.84 -2.81 5.40
C THR C 116 -13.94 -4.12 6.18
N ALA C 117 -14.52 -4.14 7.38
CA ALA C 117 -14.65 -5.42 8.08
C ALA C 117 -15.64 -5.27 9.22
N LYS C 118 -16.17 -6.42 9.67
CA LYS C 118 -17.04 -6.51 10.84
C LYS C 118 -16.46 -7.44 11.90
N ASN C 119 -16.88 -7.22 13.14
CA ASN C 119 -16.61 -8.13 14.25
C ASN C 119 -15.12 -8.33 14.48
N VAL C 120 -14.37 -7.23 14.40
CA VAL C 120 -12.93 -7.23 14.63
C VAL C 120 -12.68 -7.08 16.13
N THR C 121 -11.67 -7.80 16.64
CA THR C 121 -11.22 -7.62 18.01
C THR C 121 -9.89 -6.89 17.98
N ALA C 122 -9.84 -5.74 18.66
CA ALA C 122 -8.67 -4.90 18.77
C ALA C 122 -7.97 -5.15 20.08
N ASN C 123 -6.64 -5.18 20.06
CA ASN C 123 -5.85 -5.42 21.28
C ASN C 123 -5.29 -4.09 21.77
N TYR C 124 -6.12 -3.35 22.48
CA TYR C 124 -5.70 -2.07 23.02
C TYR C 124 -4.80 -2.28 24.22
N ALA C 125 -4.06 -1.22 24.58
CA ALA C 125 -3.13 -1.32 25.69
C ALA C 125 -3.86 -1.48 27.03
N GLU C 126 -5.11 -1.03 27.12
CA GLU C 126 -5.89 -1.16 28.33
C GLU C 126 -6.76 -2.41 28.31
N GLY C 127 -6.51 -3.33 27.38
CA GLY C 127 -7.32 -4.52 27.23
C GLY C 127 -7.91 -4.63 25.84
N ALA C 128 -8.47 -5.80 25.57
CA ALA C 128 -9.01 -6.07 24.26
C ALA C 128 -10.48 -5.66 24.20
N VAL C 129 -10.91 -5.26 23.01
CA VAL C 129 -12.29 -4.91 22.72
C VAL C 129 -12.73 -5.70 21.50
N ARG C 130 -13.88 -6.35 21.60
CA ARG C 130 -14.38 -7.23 20.56
C ARG C 130 -15.53 -6.57 19.81
N GLY C 131 -15.88 -7.16 18.67
CA GLY C 131 -17.06 -6.75 17.93
C GLY C 131 -16.95 -5.45 17.17
N LEU C 132 -15.74 -4.94 16.94
CA LEU C 132 -15.59 -3.63 16.31
C LEU C 132 -15.76 -3.70 14.80
N THR C 133 -16.32 -2.64 14.23
CA THR C 133 -16.40 -2.52 12.79
C THR C 133 -15.20 -1.74 12.29
N GLN C 134 -14.60 -2.21 11.21
CA GLN C 134 -13.43 -1.58 10.61
C GLN C 134 -13.84 -0.76 9.39
N GLY C 135 -13.23 0.43 9.25
CA GLY C 135 -13.31 1.21 8.04
C GLY C 135 -11.95 1.83 7.74
N ASN C 136 -11.85 2.52 6.62
CA ASN C 136 -10.58 3.13 6.24
C ASN C 136 -10.64 4.64 6.07
N ALA C 137 -11.73 5.29 6.50
CA ALA C 137 -11.63 6.70 6.81
C ALA C 137 -10.53 6.88 7.86
N CYS C 138 -9.78 7.97 7.76
CA CYS C 138 -8.70 8.18 8.71
C CYS C 138 -9.23 8.83 9.99
N MET C 139 -8.34 9.00 10.96
N MET C 139 -8.38 8.88 11.01
CA MET C 139 -8.70 9.26 12.35
CA MET C 139 -8.74 9.39 12.33
C MET C 139 -7.44 9.59 13.13
C MET C 139 -7.46 9.60 13.13
N GLY C 140 -7.59 10.33 14.23
CA GLY C 140 -6.47 10.63 15.09
C GLY C 140 -6.91 10.77 16.53
N ARG C 141 -5.93 10.71 17.44
CA ARG C 141 -6.21 10.80 18.87
C ARG C 141 -7.02 12.05 19.16
N GLY C 142 -8.17 11.86 19.84
CA GLY C 142 -9.10 12.94 20.09
C GLY C 142 -10.42 12.76 19.35
N ASP C 143 -10.40 12.08 18.19
CA ASP C 143 -11.64 11.69 17.51
C ASP C 143 -12.42 10.63 18.28
N SER C 144 -11.82 10.02 19.30
CA SER C 144 -12.48 9.02 20.14
C SER C 144 -13.90 9.44 20.52
N GLY C 145 -14.82 8.50 20.38
CA GLY C 145 -16.23 8.71 20.68
C GLY C 145 -17.06 9.30 19.57
N GLY C 146 -16.43 9.80 18.49
CA GLY C 146 -17.13 10.60 17.51
C GLY C 146 -17.95 9.80 16.50
N SER C 147 -18.85 10.51 15.85
CA SER C 147 -19.85 9.89 14.98
C SER C 147 -19.21 9.18 13.79
N TRP C 148 -19.65 7.96 13.51
CA TRP C 148 -19.50 7.31 12.22
C TRP C 148 -20.90 7.17 11.61
N PHE C 149 -21.06 7.53 10.33
CA PHE C 149 -22.39 7.65 9.74
C PHE C 149 -22.28 7.55 8.23
N THR C 150 -23.39 7.17 7.59
CA THR C 150 -23.45 7.24 6.13
C THR C 150 -23.92 8.62 5.68
N SER C 151 -23.67 8.93 4.41
CA SER C 151 -24.09 10.21 3.86
C SER C 151 -25.59 10.34 3.84
N ALA C 152 -26.31 9.24 3.64
CA ALA C 152 -27.76 9.22 3.71
C ALA C 152 -28.29 9.35 5.14
N GLY C 153 -27.42 9.59 6.12
CA GLY C 153 -27.87 9.92 7.47
C GLY C 153 -28.10 8.75 8.40
N GLN C 154 -27.53 7.59 8.15
CA GLN C 154 -27.73 6.41 9.00
C GLN C 154 -26.55 6.30 9.97
N ALA C 155 -26.83 6.44 11.26
CA ALA C 155 -25.78 6.34 12.27
C ALA C 155 -25.21 4.94 12.31
N GLN C 156 -23.88 4.85 12.44
CA GLN C 156 -23.20 3.56 12.41
C GLN C 156 -22.58 3.19 13.75
N GLY C 157 -21.86 4.12 14.38
CA GLY C 157 -21.20 3.80 15.63
C GLY C 157 -20.30 4.93 16.08
N VAL C 158 -19.41 4.61 17.02
CA VAL C 158 -18.62 5.64 17.70
C VAL C 158 -17.15 5.25 17.64
N MET C 159 -16.30 6.24 17.35
CA MET C 159 -14.87 6.02 17.18
C MET C 159 -14.24 5.36 18.40
N SER C 160 -13.58 4.20 18.19
CA SER C 160 -12.96 3.45 19.27
C SER C 160 -11.44 3.43 19.21
N GLY C 161 -10.85 3.09 18.06
CA GLY C 161 -9.40 3.12 17.91
C GLY C 161 -8.96 2.81 16.50
N GLY C 162 -7.67 2.54 16.35
CA GLY C 162 -7.09 2.23 15.05
C GLY C 162 -5.60 2.44 15.02
N ASN C 163 -5.02 2.23 13.83
CA ASN C 163 -3.55 2.22 13.68
C ASN C 163 -3.01 3.62 13.43
N VAL C 164 -3.07 4.45 14.48
CA VAL C 164 -2.47 5.77 14.40
C VAL C 164 -0.96 5.63 14.24
N GLN C 165 -0.36 6.55 13.48
CA GLN C 165 1.07 6.59 13.34
C GLN C 165 1.68 7.50 14.41
N SER C 166 3.01 7.68 14.33
CA SER C 166 3.71 8.55 15.28
C SER C 166 3.07 9.92 15.41
N ASN C 167 2.52 10.45 14.32
CA ASN C 167 1.85 11.75 14.38
C ASN C 167 0.50 11.70 15.07
N GLY C 168 0.08 10.53 15.54
CA GLY C 168 -1.17 10.41 16.26
C GLY C 168 -2.39 10.19 15.39
N ASN C 169 -2.22 10.02 14.09
CA ASN C 169 -3.33 9.76 13.20
C ASN C 169 -2.89 8.74 12.16
N ASN C 170 -3.85 8.25 11.37
CA ASN C 170 -3.49 7.45 10.19
C ASN C 170 -3.91 8.15 8.89
N CYS C 171 -3.96 9.50 8.91
CA CYS C 171 -4.30 10.26 7.71
C CYS C 171 -3.11 10.44 6.78
N GLY C 172 -1.88 10.27 7.29
CA GLY C 172 -0.69 10.40 6.47
C GLY C 172 -0.36 9.19 5.66
N ILE C 173 -1.20 8.16 5.72
CA ILE C 173 -1.04 6.96 4.92
C ILE C 173 -2.31 6.83 4.09
N PRO C 174 -2.26 6.13 2.96
CA PRO C 174 -3.47 6.01 2.13
C PRO C 174 -4.51 5.14 2.82
N ALA C 175 -5.77 5.36 2.44
CA ALA C 175 -6.87 4.59 3.02
C ALA C 175 -6.61 3.08 2.96
N SER C 176 -5.88 2.62 1.95
N SER C 176 -5.88 2.62 1.95
CA SER C 176 -5.58 1.20 1.83
CA SER C 176 -5.57 1.20 1.84
C SER C 176 -4.73 0.68 3.00
C SER C 176 -4.75 0.68 3.01
N GLN C 177 -4.02 1.57 3.70
CA GLN C 177 -3.13 1.16 4.79
C GLN C 177 -3.74 1.36 6.17
N ARG C 178 -5.02 1.72 6.24
CA ARG C 178 -5.63 2.19 7.49
C ARG C 178 -6.53 1.13 8.10
N SER C 179 -6.50 1.03 9.42
CA SER C 179 -7.48 0.26 10.17
C SER C 179 -8.07 1.23 11.18
N SER C 180 -9.34 1.59 11.00
CA SER C 180 -10.02 2.52 11.90
C SER C 180 -11.26 1.84 12.41
N LEU C 181 -11.39 1.75 13.74
CA LEU C 181 -12.33 0.85 14.39
C LEU C 181 -13.39 1.63 15.17
N PHE C 182 -14.66 1.29 14.96
CA PHE C 182 -15.72 1.90 15.73
C PHE C 182 -16.64 0.85 16.37
N GLU C 183 -17.22 1.24 17.50
CA GLU C 183 -18.18 0.44 18.22
C GLU C 183 -19.55 0.64 17.60
N ARG C 184 -20.25 -0.44 17.28
CA ARG C 184 -21.55 -0.27 16.65
CA ARG C 184 -21.55 -0.28 16.65
C ARG C 184 -22.53 0.42 17.58
N VAL C 185 -23.33 1.32 17.01
CA VAL C 185 -24.25 2.11 17.82
C VAL C 185 -25.48 1.31 18.26
N GLY C 186 -25.95 0.39 17.43
CA GLY C 186 -27.15 -0.38 17.72
C GLY C 186 -27.19 -1.00 19.11
N PRO C 187 -26.16 -1.78 19.45
CA PRO C 187 -26.14 -2.40 20.78
C PRO C 187 -26.04 -1.39 21.91
N ILE C 188 -25.47 -0.20 21.66
CA ILE C 188 -25.48 0.84 22.69
C ILE C 188 -26.92 1.28 22.97
N LEU C 189 -27.62 1.70 21.90
CA LEU C 189 -29.03 2.05 22.00
C LEU C 189 -29.82 1.00 22.81
N SER C 190 -29.61 -0.27 22.48
CA SER C 190 -30.39 -1.35 23.12
C SER C 190 -30.03 -1.49 24.59
N GLN C 191 -28.73 -1.57 24.90
CA GLN C 191 -28.32 -1.82 26.28
C GLN C 191 -28.90 -0.79 27.22
N TYR C 192 -28.82 0.49 26.86
CA TYR C 192 -29.21 1.56 27.76
C TYR C 192 -30.60 2.09 27.49
N GLY C 193 -31.35 1.47 26.58
CA GLY C 193 -32.69 1.93 26.29
C GLY C 193 -32.73 3.36 25.77
N LEU C 194 -31.91 3.64 24.78
CA LEU C 194 -31.76 4.99 24.24
C LEU C 194 -32.43 5.10 22.87
N SER C 195 -33.03 6.25 22.61
CA SER C 195 -33.62 6.56 21.31
C SER C 195 -32.75 7.57 20.57
N LEU C 196 -32.41 7.24 19.33
CA LEU C 196 -31.66 8.16 18.49
C LEU C 196 -32.47 9.44 18.27
N VAL C 197 -31.84 10.58 18.47
CA VAL C 197 -32.46 11.84 18.05
C VAL C 197 -32.24 11.97 16.55
N THR C 198 -33.33 12.06 15.80
CA THR C 198 -33.31 12.17 14.35
C THR C 198 -33.78 13.56 13.91
N SER C 199 -33.33 13.99 12.74
CA SER C 199 -33.75 15.28 12.22
C SER C 199 -33.86 15.23 10.70
N VAL D 1 -1.83 -41.31 -4.55
CA VAL D 1 -2.10 -40.04 -5.18
C VAL D 1 -1.14 -38.99 -4.68
N ASN D 2 -1.11 -37.86 -5.38
CA ASN D 2 -0.32 -36.73 -4.97
CA ASN D 2 -0.32 -36.69 -5.00
C ASN D 2 -1.19 -35.79 -4.14
N VAL D 3 -0.65 -35.34 -3.01
CA VAL D 3 -1.35 -34.41 -2.14
C VAL D 3 -0.83 -33.02 -2.47
N LEU D 4 -1.74 -32.17 -2.93
CA LEU D 4 -1.37 -30.86 -3.46
C LEU D 4 -2.34 -29.82 -2.94
N GLY D 5 -1.81 -28.69 -2.48
CA GLY D 5 -2.63 -27.60 -1.98
C GLY D 5 -3.70 -27.17 -2.97
N GLY D 6 -4.95 -27.11 -2.51
CA GLY D 6 -6.05 -26.55 -3.27
C GLY D 6 -6.95 -27.57 -3.94
N ILE D 7 -6.55 -28.84 -4.02
CA ILE D 7 -7.31 -29.80 -4.81
C ILE D 7 -8.50 -30.32 -4.02
N GLU D 8 -9.48 -30.87 -4.75
CA GLU D 8 -10.71 -31.34 -4.13
C GLU D 8 -10.48 -32.60 -3.31
N TYR D 9 -11.06 -32.65 -2.11
CA TYR D 9 -11.18 -33.93 -1.42
C TYR D 9 -12.59 -34.07 -0.87
N SER D 10 -13.00 -35.32 -0.71
CA SER D 10 -14.32 -35.64 -0.17
C SER D 10 -14.18 -36.16 1.26
N ILE D 11 -15.24 -35.95 2.03
CA ILE D 11 -15.30 -36.34 3.44
C ILE D 11 -16.48 -37.29 3.58
N ASN D 12 -16.19 -38.52 4.02
CA ASN D 12 -17.20 -39.56 4.21
C ASN D 12 -18.12 -39.72 3.00
N ASN D 13 -17.57 -39.50 1.79
CA ASN D 13 -18.29 -39.72 0.55
C ASN D 13 -19.53 -38.82 0.44
N ALA D 14 -19.57 -37.73 1.20
CA ALA D 14 -20.77 -36.91 1.31
C ALA D 14 -20.55 -35.46 0.91
N THR D 15 -19.46 -34.84 1.35
CA THR D 15 -19.25 -33.41 1.23
C THR D 15 -17.87 -33.13 0.67
N LEU D 16 -17.68 -31.93 0.12
CA LEU D 16 -16.44 -31.54 -0.53
C LEU D 16 -15.73 -30.42 0.22
N CYS D 17 -14.42 -30.53 0.32
CA CYS D 17 -13.56 -29.44 0.75
C CYS D 17 -12.33 -29.42 -0.15
N SER D 18 -11.39 -28.54 0.14
CA SER D 18 -10.17 -28.38 -0.63
C SER D 18 -8.96 -28.55 0.28
N VAL D 19 -7.91 -29.15 -0.27
CA VAL D 19 -6.68 -29.36 0.49
C VAL D 19 -6.05 -28.04 0.89
N GLY D 20 -5.58 -27.97 2.13
CA GLY D 20 -4.81 -26.83 2.60
C GLY D 20 -3.35 -26.83 2.20
N PHE D 21 -2.51 -27.50 2.98
CA PHE D 21 -1.08 -27.60 2.73
C PHE D 21 -0.57 -28.96 3.17
N SER D 22 0.34 -29.52 2.38
CA SER D 22 1.02 -30.75 2.75
C SER D 22 1.91 -30.51 3.96
N VAL D 23 1.87 -31.45 4.93
CA VAL D 23 2.64 -31.40 6.15
C VAL D 23 3.11 -32.81 6.51
N THR D 24 4.11 -32.87 7.40
CA THR D 24 4.54 -34.11 8.01
C THR D 24 4.54 -33.96 9.54
N ARG D 25 4.26 -35.07 10.22
N ARG D 25 4.31 -35.09 10.23
CA ARG D 25 4.46 -35.18 11.67
CA ARG D 25 4.45 -35.17 11.68
C ARG D 25 5.32 -36.41 11.89
C ARG D 25 5.30 -36.40 11.96
N GLY D 26 6.59 -36.19 12.24
CA GLY D 26 7.53 -37.27 12.28
C GLY D 26 7.64 -37.79 10.86
N ALA D 27 7.35 -39.07 10.65
CA ALA D 27 7.25 -39.64 9.32
C ALA D 27 5.81 -39.84 8.87
N THR D 28 4.83 -39.48 9.71
CA THR D 28 3.44 -39.50 9.28
C THR D 28 3.22 -38.41 8.23
N LYS D 29 2.50 -38.75 7.17
CA LYS D 29 2.15 -37.78 6.13
C LYS D 29 0.75 -37.25 6.35
N GLY D 30 0.54 -35.99 5.96
CA GLY D 30 -0.80 -35.46 6.04
C GLY D 30 -0.90 -34.09 5.43
N PHE D 31 -2.04 -33.43 5.68
CA PHE D 31 -2.25 -32.07 5.25
C PHE D 31 -3.17 -31.35 6.23
N VAL D 32 -2.93 -30.05 6.38
CA VAL D 32 -3.82 -29.22 7.19
C VAL D 32 -5.01 -28.75 6.34
N THR D 33 -6.09 -28.41 7.01
CA THR D 33 -7.31 -27.92 6.35
C THR D 33 -8.21 -27.32 7.42
N ALA D 34 -9.47 -27.06 7.06
CA ALA D 34 -10.41 -26.44 7.99
C ALA D 34 -11.09 -27.50 8.86
N GLY D 35 -11.32 -27.15 10.12
CA GLY D 35 -11.93 -28.09 11.05
C GLY D 35 -13.39 -28.36 10.76
N HIS D 36 -14.10 -27.40 10.16
CA HIS D 36 -15.50 -27.66 9.81
C HIS D 36 -15.65 -28.61 8.62
N CYS D 37 -14.55 -29.04 8.00
CA CYS D 37 -14.67 -29.98 6.91
C CYS D 37 -14.96 -31.41 7.38
N GLY D 38 -14.50 -31.77 8.58
CA GLY D 38 -14.81 -33.09 9.10
C GLY D 38 -14.49 -33.32 10.56
N GLY D 39 -15.19 -34.27 11.20
CA GLY D 39 -14.82 -34.67 12.54
C GLY D 39 -13.72 -35.71 12.50
N VAL D 40 -13.09 -35.92 13.66
CA VAL D 40 -12.04 -36.92 13.78
C VAL D 40 -12.55 -38.27 13.29
N GLY D 41 -11.75 -38.94 12.47
CA GLY D 41 -12.09 -40.25 11.94
C GLY D 41 -12.78 -40.23 10.58
N ALA D 42 -13.30 -39.07 10.17
CA ALA D 42 -13.98 -39.00 8.87
C ALA D 42 -13.02 -39.33 7.73
N ILE D 43 -13.50 -40.16 6.81
CA ILE D 43 -12.67 -40.71 5.75
C ILE D 43 -12.56 -39.69 4.62
N VAL D 44 -11.33 -39.53 4.11
CA VAL D 44 -11.03 -38.51 3.09
C VAL D 44 -10.62 -39.24 1.82
N ARG D 45 -11.31 -38.91 0.72
CA ARG D 45 -11.01 -39.45 -0.61
C ARG D 45 -10.51 -38.34 -1.52
N ILE D 46 -9.53 -38.66 -2.36
N ILE D 46 -9.47 -38.68 -2.29
CA ILE D 46 -9.17 -37.79 -3.47
CA ILE D 46 -8.81 -37.79 -3.24
C ILE D 46 -9.38 -38.57 -4.77
C ILE D 46 -8.49 -38.59 -4.51
N GLY D 47 -10.22 -38.03 -5.64
N GLY D 47 -8.91 -38.06 -5.66
CA GLY D 47 -10.61 -38.69 -6.87
CA GLY D 47 -8.59 -38.72 -6.91
C GLY D 47 -11.46 -39.94 -6.70
C GLY D 47 -9.12 -40.14 -7.02
N GLY D 48 -11.95 -40.22 -5.50
N GLY D 48 -10.33 -40.37 -6.52
CA GLY D 48 -12.63 -41.46 -5.22
CA GLY D 48 -10.95 -41.67 -6.62
C GLY D 48 -11.76 -42.50 -4.54
C GLY D 48 -10.39 -42.74 -5.70
N THR D 49 -10.49 -42.19 -4.29
N THR D 49 -9.78 -42.36 -4.58
CA THR D 49 -9.55 -43.09 -3.65
CA THR D 49 -9.28 -43.37 -3.66
C THR D 49 -9.36 -42.70 -2.18
C THR D 49 -9.13 -42.81 -2.25
N GLN D 50 -9.41 -43.68 -1.28
CA GLN D 50 -9.19 -43.39 0.14
C GLN D 50 -7.73 -43.08 0.41
N VAL D 51 -7.47 -41.94 1.08
CA VAL D 51 -6.11 -41.56 1.40
C VAL D 51 -5.87 -41.42 2.89
N GLY D 52 -6.90 -41.28 3.70
CA GLY D 52 -6.68 -41.17 5.13
C GLY D 52 -7.91 -40.63 5.82
N SER D 53 -7.69 -39.99 6.95
CA SER D 53 -8.82 -39.59 7.77
C SER D 53 -8.42 -38.40 8.61
N PHE D 54 -9.42 -37.63 9.00
CA PHE D 54 -9.19 -36.50 9.90
C PHE D 54 -8.51 -36.99 11.18
N ALA D 55 -7.31 -36.47 11.45
CA ALA D 55 -6.54 -36.86 12.62
C ALA D 55 -6.93 -36.07 13.86
N ALA D 56 -7.21 -34.78 13.71
CA ALA D 56 -7.47 -33.91 14.83
C ALA D 56 -8.17 -32.65 14.30
N ARG D 57 -8.95 -32.01 15.17
CA ARG D 57 -9.59 -30.77 14.74
C ARG D 57 -10.04 -29.97 15.94
N VAL D 58 -10.22 -28.68 15.70
CA VAL D 58 -10.93 -27.80 16.61
C VAL D 58 -11.93 -26.99 15.78
N PHE D 59 -13.21 -27.21 16.03
CA PHE D 59 -14.23 -26.38 15.41
C PHE D 59 -15.56 -26.59 16.13
N PRO D 60 -16.27 -25.52 16.52
CA PRO D 60 -15.91 -24.11 16.33
C PRO D 60 -14.89 -23.59 17.37
N GLY D 61 -14.99 -22.32 17.78
CA GLY D 61 -13.91 -21.72 18.56
C GLY D 61 -12.69 -21.40 17.68
N ASN D 62 -12.08 -22.45 17.14
CA ASN D 62 -11.16 -22.34 16.02
C ASN D 62 -11.82 -22.97 14.79
N ASP D 63 -11.05 -23.07 13.69
CA ASP D 63 -11.52 -23.79 12.50
C ASP D 63 -10.28 -24.40 11.84
N ARG D 64 -9.75 -25.45 12.46
CA ARG D 64 -8.49 -26.05 12.07
C ARG D 64 -8.58 -27.56 12.16
N ALA D 65 -7.78 -28.23 11.32
CA ALA D 65 -7.76 -29.68 11.26
C ALA D 65 -6.50 -30.13 10.54
N TRP D 66 -6.11 -31.36 10.78
CA TRP D 66 -5.15 -32.01 9.89
C TRP D 66 -5.64 -33.42 9.61
N VAL D 67 -5.35 -33.87 8.39
CA VAL D 67 -5.78 -35.18 7.89
C VAL D 67 -4.54 -36.03 7.76
N SER D 68 -4.53 -37.20 8.40
CA SER D 68 -3.41 -38.11 8.23
C SER D 68 -3.55 -38.83 6.89
N VAL D 69 -2.44 -38.97 6.18
CA VAL D 69 -2.42 -39.51 4.82
C VAL D 69 -1.59 -40.79 4.83
N GLY D 70 -2.12 -41.83 4.18
CA GLY D 70 -1.36 -43.09 4.08
C GLY D 70 -0.05 -42.90 3.35
N SER D 71 0.96 -43.65 3.79
CA SER D 71 2.33 -43.46 3.30
C SER D 71 2.51 -43.88 1.85
N ALA D 72 1.56 -44.63 1.28
CA ALA D 72 1.62 -44.93 -0.15
C ALA D 72 1.55 -43.68 -1.01
N HIS D 73 1.00 -42.60 -0.47
CA HIS D 73 0.72 -41.40 -1.26
C HIS D 73 1.87 -40.41 -1.14
N THR D 74 1.90 -39.45 -2.05
N THR D 74 1.89 -39.44 -2.05
CA THR D 74 2.97 -38.47 -2.14
CA THR D 74 2.97 -38.47 -2.14
C THR D 74 2.43 -37.09 -1.75
C THR D 74 2.44 -37.08 -1.77
N LEU D 75 3.27 -36.32 -1.07
CA LEU D 75 2.96 -34.95 -0.71
C LEU D 75 3.83 -34.03 -1.54
N GLN D 76 3.23 -32.97 -2.08
CA GLN D 76 3.99 -31.93 -2.77
CA GLN D 76 3.96 -31.91 -2.79
C GLN D 76 3.92 -30.65 -1.95
N GLY D 77 5.09 -30.07 -1.68
CA GLY D 77 5.12 -28.83 -0.95
C GLY D 77 4.74 -27.68 -1.85
N ALA D 78 3.51 -27.69 -2.37
CA ALA D 78 3.09 -26.74 -3.38
C ALA D 78 1.57 -26.67 -3.41
N VAL D 79 1.06 -25.69 -4.16
CA VAL D 79 -0.37 -25.48 -4.33
C VAL D 79 -0.66 -25.44 -5.82
N SER D 80 -1.82 -25.95 -6.22
CA SER D 80 -2.20 -25.94 -7.63
C SER D 80 -2.64 -24.54 -8.05
N ASN D 81 -2.26 -24.12 -9.27
CA ASN D 81 -2.72 -22.83 -9.78
C ASN D 81 -3.95 -22.97 -10.66
N TYR D 82 -4.51 -24.17 -10.75
CA TYR D 82 -5.70 -24.45 -11.57
C TYR D 82 -5.52 -24.06 -13.03
N SER D 83 -4.27 -23.87 -13.48
CA SER D 83 -3.99 -23.76 -14.91
C SER D 83 -2.86 -24.70 -15.30
N GLY D 84 -2.86 -25.92 -14.74
CA GLY D 84 -1.91 -26.95 -15.09
C GLY D 84 -0.56 -26.83 -14.41
N GLY D 85 -0.36 -25.85 -13.55
CA GLY D 85 0.89 -25.73 -12.85
C GLY D 85 0.74 -25.66 -11.35
N THR D 86 1.84 -25.37 -10.64
CA THR D 86 1.84 -25.28 -9.19
C THR D 86 2.62 -24.07 -8.76
N ILE D 87 2.37 -23.63 -7.52
CA ILE D 87 3.17 -22.64 -6.82
C ILE D 87 3.86 -23.31 -5.65
N ALA D 88 5.17 -23.19 -5.59
CA ALA D 88 5.91 -23.84 -4.51
C ALA D 88 5.72 -23.08 -3.20
N ILE D 89 5.57 -23.84 -2.12
CA ILE D 89 5.50 -23.28 -0.78
C ILE D 89 6.92 -23.26 -0.21
N ARG D 90 7.34 -22.10 0.31
CA ARG D 90 8.70 -21.92 0.81
C ARG D 90 8.78 -21.68 2.30
N GLY D 91 7.66 -21.55 2.99
CA GLY D 91 7.63 -21.21 4.40
C GLY D 91 6.24 -20.76 4.79
N SER D 92 6.14 -20.18 5.97
CA SER D 92 4.85 -19.71 6.48
C SER D 92 5.00 -18.36 7.16
N ALA D 93 5.71 -17.43 6.50
CA ALA D 93 5.80 -16.08 7.01
C ALA D 93 4.46 -15.37 6.83
N GLU D 94 3.93 -14.84 7.92
CA GLU D 94 2.61 -14.21 7.89
C GLU D 94 2.68 -12.86 7.21
N ALA D 95 1.69 -12.56 6.39
CA ALA D 95 1.71 -11.33 5.59
C ALA D 95 0.94 -10.24 6.32
N ALA D 96 1.40 -9.01 6.17
CA ALA D 96 0.79 -7.89 6.86
C ALA D 96 -0.53 -7.52 6.21
N ILE D 97 -1.33 -6.76 6.96
CA ILE D 97 -2.55 -6.14 6.46
C ILE D 97 -2.25 -5.39 5.16
N GLY D 98 -3.09 -5.60 4.16
CA GLY D 98 -2.95 -4.95 2.87
C GLY D 98 -2.10 -5.71 1.87
N ALA D 99 -1.31 -6.69 2.32
CA ALA D 99 -0.41 -7.39 1.42
C ALA D 99 -1.19 -8.26 0.45
N ALA D 100 -0.60 -8.49 -0.71
CA ALA D 100 -1.24 -9.34 -1.72
C ALA D 100 -1.25 -10.80 -1.29
N VAL D 101 -2.32 -11.50 -1.64
CA VAL D 101 -2.48 -12.91 -1.29
C VAL D 101 -3.40 -13.57 -2.30
N CYS D 102 -3.18 -14.87 -2.53
CA CYS D 102 -4.02 -15.69 -3.39
C CYS D 102 -4.54 -16.89 -2.60
N ARG D 103 -5.57 -17.54 -3.14
CA ARG D 103 -6.07 -18.77 -2.55
C ARG D 103 -6.42 -19.76 -3.66
N SER D 104 -6.57 -21.03 -3.30
CA SER D 104 -6.75 -22.09 -4.27
C SER D 104 -7.73 -23.13 -3.75
N GLY D 105 -8.76 -23.44 -4.54
CA GLY D 105 -9.76 -24.40 -4.11
C GLY D 105 -10.54 -24.97 -5.28
N ARG D 106 -11.42 -25.91 -4.94
CA ARG D 106 -12.11 -26.76 -5.90
C ARG D 106 -13.24 -26.06 -6.66
N THR D 107 -13.79 -24.97 -6.11
CA THR D 107 -14.99 -24.39 -6.70
C THR D 107 -14.71 -23.20 -7.60
N THR D 108 -13.86 -22.28 -7.16
CA THR D 108 -13.52 -21.07 -7.91
C THR D 108 -12.08 -21.09 -8.36
N GLY D 109 -11.34 -22.14 -8.03
CA GLY D 109 -9.98 -22.28 -8.51
C GLY D 109 -9.02 -21.35 -7.80
N TYR D 110 -8.20 -20.69 -8.61
CA TYR D 110 -7.10 -19.86 -8.13
C TYR D 110 -7.53 -18.40 -8.20
N ARG D 111 -7.61 -17.72 -7.04
CA ARG D 111 -8.10 -16.35 -6.93
C ARG D 111 -7.16 -15.53 -6.06
N CYS D 112 -7.05 -14.23 -6.36
CA CYS D 112 -6.11 -13.36 -5.66
C CYS D 112 -6.76 -12.07 -5.20
N GLY D 113 -6.08 -11.43 -4.26
CA GLY D 113 -6.63 -10.29 -3.55
C GLY D 113 -5.61 -9.79 -2.55
N ASN D 114 -6.09 -9.11 -1.52
CA ASN D 114 -5.21 -8.64 -0.47
C ASN D 114 -5.81 -8.99 0.89
N ILE D 115 -4.95 -8.99 1.91
CA ILE D 115 -5.39 -9.06 3.30
C ILE D 115 -6.02 -7.74 3.69
N THR D 116 -7.25 -7.79 4.22
CA THR D 116 -7.96 -6.57 4.59
C THR D 116 -8.30 -6.45 6.07
N ALA D 117 -8.23 -7.52 6.85
CA ALA D 117 -8.47 -7.39 8.29
C ALA D 117 -7.91 -8.60 9.01
N LYS D 118 -7.66 -8.44 10.30
CA LYS D 118 -7.18 -9.53 11.12
C LYS D 118 -7.97 -9.58 12.43
N ASN D 119 -7.94 -10.75 13.04
CA ASN D 119 -8.60 -11.00 14.33
C ASN D 119 -10.12 -10.82 14.22
N VAL D 120 -10.70 -11.36 13.15
CA VAL D 120 -12.14 -11.31 12.91
C VAL D 120 -12.81 -12.51 13.57
N THR D 121 -13.94 -12.27 14.24
CA THR D 121 -14.79 -13.33 14.74
C THR D 121 -15.95 -13.54 13.78
N ALA D 122 -16.13 -14.77 13.34
CA ALA D 122 -17.23 -15.17 12.51
C ALA D 122 -18.27 -15.88 13.36
N ASN D 123 -19.54 -15.61 13.09
CA ASN D 123 -20.64 -16.24 13.80
C ASN D 123 -21.30 -17.22 12.83
N TYR D 124 -20.67 -18.39 12.70
CA TYR D 124 -21.21 -19.46 11.89
C TYR D 124 -22.43 -20.10 12.57
N ALA D 125 -23.20 -20.84 11.79
CA ALA D 125 -24.37 -21.51 12.34
C ALA D 125 -23.99 -22.42 13.49
N GLU D 126 -22.82 -23.07 13.42
CA GLU D 126 -22.43 -24.02 14.46
C GLU D 126 -21.70 -23.37 15.61
N GLY D 127 -21.43 -22.07 15.53
CA GLY D 127 -20.85 -21.35 16.64
C GLY D 127 -19.88 -20.28 16.19
N ALA D 128 -19.29 -19.62 17.18
CA ALA D 128 -18.33 -18.57 16.94
C ALA D 128 -16.97 -19.16 16.62
N VAL D 129 -16.27 -18.52 15.70
CA VAL D 129 -14.88 -18.84 15.41
C VAL D 129 -14.12 -17.53 15.42
N ARG D 130 -13.02 -17.49 16.16
CA ARG D 130 -12.33 -16.24 16.46
C ARG D 130 -10.98 -16.16 15.78
N GLY D 131 -10.45 -14.94 15.72
CA GLY D 131 -9.08 -14.77 15.32
C GLY D 131 -8.82 -14.98 13.84
N LEU D 132 -9.85 -14.94 13.00
CA LEU D 132 -9.70 -15.21 11.57
C LEU D 132 -9.11 -14.00 10.84
N THR D 133 -8.36 -14.26 9.79
CA THR D 133 -7.84 -13.21 8.92
C THR D 133 -8.77 -13.08 7.71
N GLN D 134 -8.98 -11.84 7.29
CA GLN D 134 -9.90 -11.52 6.21
C GLN D 134 -9.10 -11.06 4.99
N GLY D 135 -9.53 -11.52 3.82
CA GLY D 135 -9.00 -11.04 2.56
C GLY D 135 -10.15 -10.79 1.61
N ASN D 136 -9.86 -10.15 0.48
CA ASN D 136 -10.92 -9.92 -0.48
C ASN D 136 -10.74 -10.75 -1.77
N ALA D 137 -9.88 -11.74 -1.77
CA ALA D 137 -9.97 -12.73 -2.83
C ALA D 137 -11.32 -13.43 -2.71
N CYS D 138 -11.95 -13.70 -3.85
CA CYS D 138 -13.27 -14.31 -3.80
C CYS D 138 -13.14 -15.82 -3.61
N MET D 139 -14.28 -16.50 -3.51
N MET D 139 -14.28 -16.46 -3.37
CA MET D 139 -14.33 -17.85 -2.97
CA MET D 139 -14.31 -17.88 -3.00
C MET D 139 -15.75 -18.36 -3.08
C MET D 139 -15.75 -18.37 -3.05
N GLY D 140 -15.91 -19.68 -2.95
CA GLY D 140 -17.23 -20.28 -3.01
C GLY D 140 -17.30 -21.59 -2.26
N ARG D 141 -18.55 -22.00 -1.97
CA ARG D 141 -18.84 -23.26 -1.30
C ARG D 141 -18.11 -24.39 -1.99
N GLY D 142 -17.25 -25.10 -1.24
CA GLY D 142 -16.36 -26.10 -1.80
C GLY D 142 -14.89 -25.74 -1.66
N ASP D 143 -14.59 -24.44 -1.59
CA ASP D 143 -13.22 -23.97 -1.39
C ASP D 143 -12.75 -24.15 0.05
N SER D 144 -13.67 -24.45 0.98
CA SER D 144 -13.36 -24.66 2.39
C SER D 144 -12.13 -25.51 2.59
N GLY D 145 -11.30 -25.11 3.55
CA GLY D 145 -10.08 -25.80 3.88
C GLY D 145 -8.92 -25.50 2.98
N GLY D 146 -9.12 -24.76 1.87
CA GLY D 146 -8.09 -24.61 0.86
C GLY D 146 -7.02 -23.57 1.20
N SER D 147 -5.92 -23.65 0.44
CA SER D 147 -4.73 -22.86 0.69
C SER D 147 -4.99 -21.36 0.53
N TRP D 148 -4.46 -20.57 1.45
CA TRP D 148 -4.24 -19.14 1.31
C TRP D 148 -2.74 -18.94 1.43
N PHE D 149 -2.15 -18.15 0.53
CA PHE D 149 -0.70 -18.11 0.36
C PHE D 149 -0.32 -16.87 -0.44
N THR D 150 0.87 -16.34 -0.19
CA THR D 150 1.35 -15.26 -1.03
C THR D 150 1.94 -15.85 -2.31
N SER D 151 2.01 -15.03 -3.36
CA SER D 151 2.53 -15.50 -4.64
C SER D 151 3.97 -15.97 -4.54
N ALA D 152 4.77 -15.33 -3.67
CA ALA D 152 6.14 -15.76 -3.43
C ALA D 152 6.23 -17.02 -2.57
N GLY D 153 5.13 -17.73 -2.34
CA GLY D 153 5.17 -19.05 -1.74
C GLY D 153 5.12 -19.15 -0.23
N GLN D 154 4.56 -18.16 0.48
CA GLN D 154 4.42 -18.23 1.93
C GLN D 154 2.99 -18.65 2.28
N ALA D 155 2.86 -19.84 2.88
CA ALA D 155 1.56 -20.30 3.35
C ALA D 155 0.99 -19.35 4.38
N GLN D 156 -0.28 -18.97 4.21
CA GLN D 156 -0.95 -18.03 5.11
C GLN D 156 -2.01 -18.71 5.97
N GLY D 157 -2.84 -19.58 5.40
CA GLY D 157 -3.90 -20.18 6.17
C GLY D 157 -4.79 -21.04 5.30
N VAL D 158 -5.91 -21.47 5.90
CA VAL D 158 -6.86 -22.37 5.25
C VAL D 158 -8.24 -21.70 5.22
N MET D 159 -8.96 -21.93 4.13
CA MET D 159 -10.26 -21.31 3.88
C MET D 159 -11.26 -21.69 4.98
N SER D 160 -11.92 -20.69 5.58
CA SER D 160 -12.86 -20.97 6.67
C SER D 160 -14.29 -20.56 6.35
N GLY D 161 -14.51 -19.37 5.81
CA GLY D 161 -15.86 -18.98 5.43
C GLY D 161 -15.90 -17.55 4.92
N GLY D 162 -17.11 -17.02 4.77
CA GLY D 162 -17.28 -15.65 4.30
C GLY D 162 -18.62 -15.44 3.63
N ASN D 163 -18.78 -14.27 3.01
CA ASN D 163 -20.10 -13.77 2.60
C ASN D 163 -20.42 -14.16 1.16
N VAL D 164 -20.56 -15.47 0.93
CA VAL D 164 -21.00 -15.94 -0.38
C VAL D 164 -22.42 -15.40 -0.64
N GLN D 165 -22.78 -15.33 -1.92
CA GLN D 165 -24.09 -14.86 -2.33
C GLN D 165 -24.99 -16.05 -2.68
N SER D 166 -26.16 -15.75 -3.26
CA SER D 166 -27.08 -16.82 -3.61
CA SER D 166 -27.09 -16.80 -3.65
C SER D 166 -26.47 -17.79 -4.62
N ASN D 167 -25.56 -17.32 -5.48
CA ASN D 167 -24.90 -18.20 -6.43
C ASN D 167 -23.84 -19.09 -5.80
N GLY D 168 -23.66 -19.00 -4.47
CA GLY D 168 -22.72 -19.84 -3.77
C GLY D 168 -21.33 -19.27 -3.61
N ASN D 169 -21.04 -18.11 -4.22
CA ASN D 169 -19.70 -17.54 -4.16
C ASN D 169 -19.80 -16.03 -3.96
N ASN D 170 -18.67 -15.38 -3.70
CA ASN D 170 -18.63 -13.93 -3.71
C ASN D 170 -17.75 -13.42 -4.85
N CYS D 171 -17.61 -14.22 -5.90
CA CYS D 171 -16.86 -13.78 -7.07
C CYS D 171 -17.66 -12.84 -7.97
N GLY D 172 -18.98 -12.84 -7.85
CA GLY D 172 -19.85 -11.99 -8.63
C GLY D 172 -20.05 -10.59 -8.10
N ILE D 173 -19.26 -10.16 -7.12
CA ILE D 173 -19.26 -8.79 -6.63
C ILE D 173 -17.82 -8.33 -6.58
N PRO D 174 -17.58 -7.02 -6.59
CA PRO D 174 -16.19 -6.54 -6.57
C PRO D 174 -15.51 -6.80 -5.23
N ALA D 175 -14.18 -6.91 -5.29
CA ALA D 175 -13.40 -7.23 -4.10
C ALA D 175 -13.76 -6.33 -2.93
N SER D 176 -14.02 -5.04 -3.17
CA SER D 176 -14.32 -4.11 -2.10
C SER D 176 -15.52 -4.55 -1.26
N GLN D 177 -16.38 -5.40 -1.80
CA GLN D 177 -17.58 -5.87 -1.12
C GLN D 177 -17.43 -7.25 -0.49
N ARG D 178 -16.24 -7.85 -0.50
CA ARG D 178 -16.06 -9.26 -0.14
C ARG D 178 -15.49 -9.44 1.26
N SER D 179 -15.98 -10.44 1.97
CA SER D 179 -15.39 -10.90 3.22
C SER D 179 -15.06 -12.38 3.06
N SER D 180 -13.77 -12.71 3.00
CA SER D 180 -13.32 -14.09 2.78
C SER D 180 -12.34 -14.39 3.90
N LEU D 181 -12.73 -15.31 4.77
CA LEU D 181 -12.04 -15.51 6.04
C LEU D 181 -11.23 -16.80 6.03
N PHE D 182 -9.99 -16.73 6.52
CA PHE D 182 -9.18 -17.93 6.64
C PHE D 182 -8.56 -18.04 8.02
N GLU D 183 -8.35 -19.28 8.42
CA GLU D 183 -7.70 -19.63 9.68
C GLU D 183 -6.20 -19.61 9.48
N ARG D 184 -5.48 -18.87 10.34
CA ARG D 184 -4.04 -18.73 10.15
CA ARG D 184 -4.03 -18.73 10.16
C ARG D 184 -3.34 -20.08 10.31
N VAL D 185 -2.40 -20.36 9.38
CA VAL D 185 -1.77 -21.68 9.38
C VAL D 185 -0.79 -21.86 10.55
N GLY D 186 -0.15 -20.78 11.00
CA GLY D 186 0.85 -20.85 12.03
C GLY D 186 0.40 -21.62 13.27
N PRO D 187 -0.71 -21.21 13.89
CA PRO D 187 -1.15 -21.91 15.12
C PRO D 187 -1.47 -23.38 14.91
N ILE D 188 -1.84 -23.77 13.69
CA ILE D 188 -2.16 -25.18 13.42
C ILE D 188 -0.89 -26.02 13.46
N LEU D 189 0.11 -25.67 12.67
CA LEU D 189 1.41 -26.35 12.72
C LEU D 189 1.89 -26.48 14.15
N SER D 190 1.81 -25.39 14.92
N SER D 190 1.77 -25.40 14.91
CA SER D 190 2.35 -25.40 16.28
CA SER D 190 2.30 -25.34 16.27
C SER D 190 1.51 -26.30 17.19
C SER D 190 1.52 -26.23 17.22
N GLN D 191 0.19 -26.18 17.14
CA GLN D 191 -0.65 -26.94 18.07
C GLN D 191 -0.46 -28.44 17.87
N TYR D 192 -0.36 -28.87 16.62
CA TYR D 192 -0.34 -30.28 16.27
C TYR D 192 1.06 -30.78 15.93
N GLY D 193 2.09 -29.99 16.15
CA GLY D 193 3.45 -30.44 15.90
C GLY D 193 3.72 -30.81 14.46
N LEU D 194 3.22 -30.00 13.52
CA LEU D 194 3.31 -30.29 12.11
C LEU D 194 4.39 -29.42 11.48
N SER D 195 5.01 -29.96 10.43
CA SER D 195 6.03 -29.25 9.65
C SER D 195 5.60 -29.16 8.20
N LEU D 196 5.52 -27.94 7.70
CA LEU D 196 5.10 -27.67 6.34
C LEU D 196 6.09 -28.29 5.36
N VAL D 197 5.57 -29.07 4.40
CA VAL D 197 6.42 -29.53 3.31
C VAL D 197 6.68 -28.36 2.37
N THR D 198 7.96 -28.14 2.05
CA THR D 198 8.36 -27.06 1.16
C THR D 198 9.05 -27.62 -0.07
N SER D 199 9.17 -26.80 -1.09
CA SER D 199 9.84 -27.20 -2.32
C SER D 199 10.35 -25.96 -3.04
#